data_5RM8
#
_entry.id   5RM8
#
_cell.length_a   59.246
_cell.length_b   70.275
_cell.length_c   85.494
_cell.angle_alpha   102.900
_cell.angle_beta   96.060
_cell.angle_gamma   112.340
#
_symmetry.space_group_name_H-M   'P 1'
#
loop_
_entity.id
_entity.type
_entity.pdbx_description
1 polymer Helicase
2 non-polymer 'methyl (2~{S},4~{R})-1-(furan-2-ylcarbonyl)-4-oxidanyl-pyrrolidine-2-carboxylate'
3 non-polymer 'ZINC ION'
4 non-polymer 'PHOSPHATE ION'
5 water water
#
_entity_poly.entity_id   1
_entity_poly.type   'polypeptide(L)'
_entity_poly.pdbx_seq_one_letter_code
;AVGACVLCNSQTSLRCGACIRRPFLCCKCCYDHVISTSHKLVLSVNPYVCNAPGCDVTDVTQLYLGGMSYYCKSHKPPIS
FPLCANGQVFGLYKNTCVGSDNVTDFNAIATCDWTNAGDYILANTCTERLKLFAAETLKATEETFKLSYGIATVREVLSD
RELHLSWEVGKPRPPLNRNYVFTGYRVTKNSKVQIGEYTFEKGDYGDAVVYRGTTTYKLNVGDYFVLTSHTVMPLSAPTL
VPQEHYVRITGLYPTLNISDEFSSNVANYQKVGMQKYSTLQGPPGTGKSHFAIGLALYYPSARIVYTACSHAAVDALCEK
ALKYLPIDKCSRIIPARARVECFDKFKVNSTLEQYVFCTVNALPETTADIVVFDEISMATNYDLSVVNARLRAKHYVYIG
DPAQLPAPRTLLTKGTLEPEYFNSVCRLMKTIGPDMFLGTCRRCPAEIVDTVSALVYDNKLKAHKDKSAQCFKMFYKGVI
THDVSSAINRPQIGVVREFLTRNPAWRKAVFISPYNSQNAVASKILGLPTQTVDSSQGSEYDYVIFTQTTETAHSCNVNR
FNVAITRAKVGILCIMSDRDLYDKLQFTSLEIPRRNVATLQ
;
_entity_poly.pdbx_strand_id   A,B
#
loop_
_chem_comp.id
_chem_comp.type
_chem_comp.name
_chem_comp.formula
GQJ non-polymer 'methyl (2~{S},4~{R})-1-(furan-2-ylcarbonyl)-4-oxidanyl-pyrrolidine-2-carboxylate' 'C11 H13 N O5'
PO4 non-polymer 'PHOSPHATE ION' 'O4 P -3'
ZN non-polymer 'ZINC ION' 'Zn 2'
#
# COMPACT_ATOMS: atom_id res chain seq x y z
N ALA A 1 15.89 12.40 18.71
CA ALA A 1 16.67 13.55 18.23
C ALA A 1 18.13 13.21 17.89
N VAL A 2 18.49 11.93 17.88
CA VAL A 2 19.86 11.53 17.58
C VAL A 2 19.91 11.07 16.14
N GLY A 3 20.62 11.81 15.29
CA GLY A 3 20.72 11.43 13.90
C GLY A 3 22.02 11.76 13.19
N ALA A 4 21.99 11.66 11.86
CA ALA A 4 23.17 11.89 11.04
C ALA A 4 23.07 13.14 10.14
N CYS A 5 24.18 13.89 10.06
CA CYS A 5 24.37 15.14 9.32
C CYS A 5 24.08 14.98 7.82
N VAL A 6 23.14 15.77 7.26
CA VAL A 6 22.84 15.66 5.83
C VAL A 6 23.97 16.15 4.95
N LEU A 7 25.12 16.60 5.49
CA LEU A 7 26.22 17.08 4.65
C LEU A 7 27.53 16.30 4.81
N CYS A 8 27.82 15.82 6.02
CA CYS A 8 29.05 15.06 6.26
C CYS A 8 28.82 13.77 7.09
N ASN A 9 27.55 13.39 7.33
CA ASN A 9 27.08 12.18 8.01
C ASN A 9 27.52 12.06 9.48
N SER A 10 28.30 13.03 10.00
CA SER A 10 28.75 13.05 11.39
C SER A 10 27.53 13.06 12.31
N GLN A 11 27.50 12.15 13.27
CA GLN A 11 26.37 12.05 14.20
C GLN A 11 26.16 13.37 14.99
N THR A 12 24.88 13.72 15.24
CA THR A 12 24.58 14.96 15.96
C THR A 12 23.19 14.93 16.57
N SER A 13 23.03 15.71 17.64
CA SER A 13 21.75 15.94 18.25
C SER A 13 21.06 17.17 17.58
N LEU A 14 21.79 17.95 16.71
CA LEU A 14 21.27 19.17 16.07
C LEU A 14 20.46 18.94 14.78
N ARG A 15 19.35 19.65 14.67
CA ARG A 15 18.48 19.74 13.47
C ARG A 15 18.23 21.22 13.22
N CYS A 16 18.14 21.65 11.94
CA CYS A 16 17.80 23.04 11.69
C CYS A 16 16.30 23.18 11.86
N GLY A 17 15.89 24.07 12.74
CA GLY A 17 14.49 24.33 13.00
C GLY A 17 13.86 25.28 12.00
N ALA A 18 14.68 26.03 11.26
CA ALA A 18 14.16 26.95 10.25
C ALA A 18 13.96 26.27 8.86
N CYS A 19 14.63 25.13 8.64
CA CYS A 19 14.48 24.32 7.44
C CYS A 19 13.15 23.63 7.52
N ILE A 20 12.37 23.64 6.41
CA ILE A 20 11.07 22.98 6.35
C ILE A 20 11.17 21.44 6.60
N ARG A 21 12.32 20.84 6.28
CA ARG A 21 12.52 19.42 6.51
C ARG A 21 13.16 19.10 7.87
N ARG A 22 13.75 20.10 8.57
CA ARG A 22 14.45 19.96 9.86
C ARG A 22 15.60 18.95 9.79
N PRO A 23 16.52 19.10 8.82
CA PRO A 23 17.61 18.13 8.69
C PRO A 23 18.61 18.15 9.82
N PHE A 24 19.17 16.97 10.12
CA PHE A 24 20.23 16.86 11.10
C PHE A 24 21.47 17.54 10.52
N LEU A 25 22.09 18.42 11.32
CA LEU A 25 23.32 19.14 10.97
C LEU A 25 24.32 18.95 12.10
N CYS A 26 25.56 18.58 11.76
CA CYS A 26 26.58 18.40 12.76
C CYS A 26 27.06 19.76 13.29
N CYS A 27 27.87 19.80 14.35
CA CYS A 27 28.39 21.06 14.89
C CYS A 27 29.09 21.94 13.85
N LYS A 28 29.97 21.37 13.02
CA LYS A 28 30.68 22.15 12.01
C LYS A 28 29.74 22.72 10.91
N CYS A 29 28.81 21.89 10.42
CA CYS A 29 27.90 22.29 9.36
C CYS A 29 26.72 23.17 9.82
N CYS A 30 26.24 22.94 11.04
CA CYS A 30 25.17 23.72 11.62
C CYS A 30 25.58 25.18 11.77
N TYR A 31 26.82 25.40 12.22
CA TYR A 31 27.39 26.73 12.37
C TYR A 31 27.45 27.43 11.06
N ASP A 32 28.08 26.78 10.06
CA ASP A 32 28.21 27.33 8.72
C ASP A 32 26.87 27.63 8.06
N HIS A 33 25.82 26.91 8.46
CA HIS A 33 24.46 27.15 8.01
C HIS A 33 23.83 28.41 8.70
N VAL A 34 23.82 28.45 10.04
CA VAL A 34 23.18 29.54 10.77
C VAL A 34 23.87 30.89 10.59
N ILE A 35 25.19 30.91 10.44
CA ILE A 35 25.92 32.17 10.26
C ILE A 35 25.81 32.77 8.85
N SER A 36 25.33 31.97 7.89
CA SER A 36 25.22 32.41 6.50
C SER A 36 23.81 32.67 6.03
N THR A 37 22.80 32.17 6.75
CA THR A 37 21.40 32.31 6.33
C THR A 37 20.54 33.00 7.40
N SER A 38 19.26 33.31 7.09
CA SER A 38 18.31 33.81 8.09
C SER A 38 17.90 32.68 9.09
N HIS A 39 18.38 31.44 8.87
CA HIS A 39 18.05 30.30 9.70
C HIS A 39 18.85 30.32 10.99
N LYS A 40 18.18 30.62 12.11
CA LYS A 40 18.88 30.67 13.39
C LYS A 40 18.28 29.76 14.46
N LEU A 41 17.12 29.10 14.20
CA LEU A 41 16.58 28.18 15.20
C LEU A 41 17.26 26.83 15.08
N VAL A 42 17.94 26.37 16.16
CA VAL A 42 18.62 25.06 16.21
C VAL A 42 17.81 24.16 17.17
N LEU A 43 17.51 22.90 16.78
CA LEU A 43 16.75 21.96 17.60
C LEU A 43 17.65 20.78 18.04
N SER A 44 17.35 20.23 19.22
CA SER A 44 18.01 19.07 19.83
C SER A 44 16.84 18.29 20.52
N VAL A 45 17.03 17.66 21.72
CA VAL A 45 15.90 17.04 22.46
C VAL A 45 14.89 18.17 22.83
N ASN A 46 15.51 19.28 23.27
CA ASN A 46 15.02 20.58 23.69
C ASN A 46 15.58 21.60 22.65
N PRO A 47 14.77 22.58 22.26
CA PRO A 47 15.28 23.59 21.30
C PRO A 47 16.32 24.52 21.91
N TYR A 48 17.04 25.22 21.05
CA TYR A 48 18.02 26.18 21.50
C TYR A 48 17.34 27.49 21.57
N VAL A 49 16.77 27.74 22.75
CA VAL A 49 15.99 28.91 23.10
C VAL A 49 16.37 29.34 24.54
N CYS A 50 16.19 30.63 24.89
CA CYS A 50 16.51 31.10 26.22
C CYS A 50 15.55 30.53 27.27
N ASN A 51 16.13 29.80 28.22
CA ASN A 51 15.40 29.14 29.30
C ASN A 51 14.86 30.09 30.36
N ALA A 52 15.36 31.35 30.39
CA ALA A 52 14.89 32.36 31.33
C ALA A 52 13.42 32.67 31.01
N PRO A 53 12.54 32.68 32.03
CA PRO A 53 11.10 32.88 31.78
C PRO A 53 10.70 34.12 30.98
N GLY A 54 9.77 33.93 30.06
CA GLY A 54 9.22 34.99 29.21
C GLY A 54 10.14 35.52 28.13
N CYS A 55 11.39 35.06 28.09
CA CYS A 55 12.35 35.52 27.11
C CYS A 55 12.13 34.84 25.76
N ASP A 56 12.04 35.66 24.71
CA ASP A 56 11.79 35.16 23.35
C ASP A 56 13.03 35.05 22.46
N VAL A 57 14.24 34.95 23.05
CA VAL A 57 15.49 34.79 22.27
C VAL A 57 15.62 33.33 21.80
N THR A 58 15.48 33.11 20.47
CA THR A 58 15.59 31.79 19.80
C THR A 58 16.79 31.72 18.83
N ASP A 59 17.46 32.86 18.58
CA ASP A 59 18.59 32.96 17.67
C ASP A 59 19.77 32.31 18.36
N VAL A 60 20.31 31.24 17.75
CA VAL A 60 21.43 30.47 18.27
C VAL A 60 22.72 31.31 18.43
N THR A 61 22.87 32.37 17.62
CA THR A 61 24.03 33.28 17.70
C THR A 61 23.96 34.25 18.89
N GLN A 62 22.76 34.41 19.48
CA GLN A 62 22.52 35.23 20.66
C GLN A 62 22.36 34.35 21.91
N LEU A 63 22.74 33.04 21.86
CA LEU A 63 22.57 32.15 23.00
C LEU A 63 23.88 31.53 23.52
N TYR A 64 23.87 31.11 24.79
CA TYR A 64 25.00 30.61 25.57
C TYR A 64 24.58 29.39 26.42
N LEU A 65 25.60 28.64 26.91
CA LEU A 65 25.49 27.48 27.80
C LEU A 65 25.81 27.86 29.29
N GLY A 66 24.77 27.93 30.11
CA GLY A 66 24.83 28.20 31.54
C GLY A 66 24.64 26.94 32.34
N GLY A 67 25.75 26.26 32.56
CA GLY A 67 25.72 24.95 33.21
C GLY A 67 25.32 23.96 32.14
N MET A 68 24.15 23.34 32.32
CA MET A 68 23.62 22.43 31.31
C MET A 68 22.35 23.00 30.62
N SER A 69 22.14 24.35 30.72
CA SER A 69 21.00 25.06 30.14
C SER A 69 21.38 26.22 29.18
N TYR A 70 20.40 26.78 28.45
CA TYR A 70 20.68 27.82 27.46
C TYR A 70 20.00 29.11 27.81
N TYR A 71 20.73 30.23 27.67
CA TYR A 71 20.28 31.59 27.98
C TYR A 71 20.84 32.59 26.97
N CYS A 72 20.20 33.75 26.82
CA CYS A 72 20.70 34.81 25.94
C CYS A 72 21.80 35.66 26.67
N LYS A 73 22.31 36.74 26.01
CA LYS A 73 23.30 37.64 26.59
C LYS A 73 22.77 38.40 27.82
N SER A 74 21.44 38.64 27.87
CA SER A 74 20.73 39.33 28.98
C SER A 74 20.43 38.41 30.18
N HIS A 75 20.51 37.08 30.01
CA HIS A 75 20.15 36.15 31.07
C HIS A 75 21.19 35.11 31.42
N LYS A 76 22.29 35.04 30.67
CA LYS A 76 23.32 34.04 30.92
C LYS A 76 23.98 34.20 32.30
N PRO A 77 24.43 33.09 32.93
CA PRO A 77 25.17 33.24 34.20
C PRO A 77 26.61 33.73 33.98
N PRO A 78 27.41 34.07 35.04
CA PRO A 78 28.79 34.51 34.77
C PRO A 78 29.63 33.48 33.99
N ILE A 79 29.53 32.19 34.37
CA ILE A 79 30.29 31.15 33.72
C ILE A 79 29.41 30.48 32.66
N SER A 80 29.41 31.11 31.46
CA SER A 80 28.64 30.69 30.29
C SER A 80 29.45 30.83 29.00
N PHE A 81 29.30 29.82 28.16
CA PHE A 81 29.98 29.63 26.90
C PHE A 81 29.08 29.95 25.73
N PRO A 82 29.50 30.74 24.70
CA PRO A 82 28.63 30.92 23.53
C PRO A 82 28.35 29.61 22.79
N LEU A 83 27.10 29.43 22.38
CA LEU A 83 26.73 28.24 21.59
C LEU A 83 27.44 28.34 20.23
N CYS A 84 27.39 29.53 19.63
CA CYS A 84 28.03 29.76 18.35
C CYS A 84 29.38 30.35 18.49
N ALA A 85 30.40 29.50 18.47
CA ALA A 85 31.78 30.00 18.48
C ALA A 85 32.75 28.94 18.04
N ASN A 86 33.87 29.37 17.44
CA ASN A 86 34.93 28.48 16.98
C ASN A 86 34.53 27.58 15.79
N GLY A 87 33.66 28.09 14.92
CA GLY A 87 33.21 27.35 13.75
C GLY A 87 32.25 26.21 14.04
N GLN A 88 31.73 26.14 15.28
CA GLN A 88 30.82 25.08 15.68
C GLN A 88 29.67 25.57 16.56
N VAL A 89 28.57 24.78 16.57
CA VAL A 89 27.39 24.95 17.43
C VAL A 89 27.44 23.78 18.42
N PHE A 90 27.41 24.07 19.74
CA PHE A 90 27.49 23.04 20.78
C PHE A 90 26.29 22.09 20.71
N GLY A 91 26.54 20.80 20.86
CA GLY A 91 25.52 19.76 20.87
C GLY A 91 26.11 18.45 21.33
N LEU A 92 26.11 17.46 20.45
CA LEU A 92 26.68 16.16 20.77
C LEU A 92 27.59 15.68 19.66
N TYR A 93 28.59 14.87 20.02
CA TYR A 93 29.54 14.24 19.10
C TYR A 93 30.36 15.29 18.33
N LYS A 94 30.75 16.34 19.08
CA LYS A 94 31.54 17.49 18.61
C LYS A 94 32.92 17.07 18.13
N VAL A 103 28.69 23.39 1.51
CA VAL A 103 27.65 23.91 2.38
C VAL A 103 27.05 25.21 1.82
N THR A 104 27.80 25.99 0.99
CA THR A 104 27.26 27.13 0.21
C THR A 104 26.02 26.67 -0.62
N ASP A 105 26.09 25.44 -1.15
CA ASP A 105 25.00 24.83 -1.90
C ASP A 105 23.84 24.36 -1.00
N PHE A 106 24.14 23.84 0.20
CA PHE A 106 23.10 23.45 1.15
C PHE A 106 22.29 24.69 1.57
N ASN A 107 22.97 25.83 1.76
CA ASN A 107 22.33 27.08 2.15
C ASN A 107 21.30 27.52 1.11
N ALA A 108 21.70 27.46 -0.17
CA ALA A 108 20.83 27.86 -1.25
C ALA A 108 19.61 26.94 -1.43
N ILE A 109 19.77 25.61 -1.20
CA ILE A 109 18.64 24.67 -1.30
C ILE A 109 17.65 24.87 -0.15
N ALA A 110 18.18 25.11 1.07
CA ALA A 110 17.41 25.32 2.29
C ALA A 110 16.57 26.60 2.30
N THR A 111 17.03 27.68 1.62
CA THR A 111 16.35 28.97 1.63
C THR A 111 15.59 29.39 0.34
N CYS A 112 15.91 28.74 -0.78
CA CYS A 112 15.27 29.09 -2.03
C CYS A 112 13.75 28.84 -2.01
N ASP A 113 13.00 29.61 -2.82
CA ASP A 113 11.55 29.42 -2.90
C ASP A 113 11.13 28.49 -4.07
N TRP A 114 12.11 27.93 -4.86
CA TRP A 114 11.89 27.02 -5.99
C TRP A 114 11.14 27.65 -7.18
N THR A 115 11.18 28.98 -7.30
CA THR A 115 10.50 29.66 -8.42
C THR A 115 11.50 29.96 -9.57
N ASN A 116 12.82 29.84 -9.33
CA ASN A 116 13.86 30.09 -10.32
C ASN A 116 14.44 28.79 -10.86
N ALA A 117 14.96 28.81 -12.10
CA ALA A 117 15.57 27.62 -12.70
C ALA A 117 16.90 27.26 -12.02
N GLY A 118 17.63 28.29 -11.57
CA GLY A 118 18.91 28.13 -10.87
C GLY A 118 18.82 27.24 -9.65
N ASP A 119 17.61 27.14 -9.04
CA ASP A 119 17.28 26.31 -7.89
C ASP A 119 17.29 24.82 -8.29
N TYR A 120 16.70 24.52 -9.47
CA TYR A 120 16.65 23.18 -10.00
C TYR A 120 17.98 22.72 -10.57
N ILE A 121 18.81 23.66 -11.06
CA ILE A 121 20.16 23.39 -11.56
C ILE A 121 21.01 22.92 -10.40
N LEU A 122 20.97 23.66 -9.30
CA LEU A 122 21.69 23.33 -8.10
C LEU A 122 21.24 21.98 -7.54
N ALA A 123 19.92 21.73 -7.49
CA ALA A 123 19.34 20.46 -7.01
C ALA A 123 19.84 19.21 -7.77
N ASN A 124 20.51 19.41 -8.91
CA ASN A 124 21.01 18.35 -9.79
C ASN A 124 22.56 18.35 -9.97
N THR A 125 23.20 19.45 -9.59
CA THR A 125 24.65 19.56 -9.65
C THR A 125 25.31 19.29 -8.27
N CYS A 126 24.50 19.29 -7.19
CA CYS A 126 25.00 19.09 -5.85
C CYS A 126 25.40 17.61 -5.54
N THR A 127 25.82 17.31 -4.32
CA THR A 127 26.15 15.96 -3.90
C THR A 127 24.87 15.13 -3.84
N GLU A 128 25.01 13.81 -3.79
CA GLU A 128 23.90 12.89 -3.74
C GLU A 128 22.96 13.12 -2.54
N ARG A 129 23.51 13.30 -1.32
CA ARG A 129 22.65 13.57 -0.16
C ARG A 129 21.89 14.91 -0.34
N LEU A 130 22.53 15.91 -0.97
CA LEU A 130 21.89 17.21 -1.23
C LEU A 130 20.83 17.14 -2.31
N LYS A 131 20.93 16.16 -3.23
CA LYS A 131 19.92 15.92 -4.23
C LYS A 131 18.64 15.43 -3.50
N LEU A 132 18.80 14.57 -2.44
CA LEU A 132 17.66 14.06 -1.66
C LEU A 132 17.05 15.16 -0.82
N PHE A 133 17.89 15.96 -0.15
CA PHE A 133 17.48 17.11 0.66
C PHE A 133 16.67 18.08 -0.23
N ALA A 134 17.25 18.40 -1.41
CA ALA A 134 16.66 19.26 -2.43
C ALA A 134 15.30 18.75 -2.88
N ALA A 135 15.19 17.43 -3.15
CA ALA A 135 13.96 16.79 -3.62
C ALA A 135 12.84 16.71 -2.58
N GLU A 136 13.15 16.42 -1.28
CA GLU A 136 12.11 16.39 -0.24
C GLU A 136 11.64 17.84 0.00
N THR A 137 12.59 18.79 0.06
CA THR A 137 12.35 20.23 0.32
C THR A 137 11.41 20.82 -0.76
N LEU A 138 11.75 20.58 -2.05
CA LEU A 138 10.99 21.04 -3.19
C LEU A 138 9.59 20.44 -3.14
N LYS A 139 9.49 19.11 -2.91
CA LYS A 139 8.18 18.47 -2.90
C LYS A 139 7.31 19.00 -1.78
N ALA A 140 7.92 19.25 -0.61
CA ALA A 140 7.20 19.82 0.54
C ALA A 140 6.75 21.23 0.20
N THR A 141 7.58 22.01 -0.46
CA THR A 141 7.22 23.37 -0.86
C THR A 141 6.06 23.38 -1.88
N GLU A 142 6.10 22.43 -2.83
CA GLU A 142 5.05 22.28 -3.84
C GLU A 142 3.70 21.94 -3.19
N GLU A 143 3.73 21.13 -2.11
CA GLU A 143 2.53 20.69 -1.39
C GLU A 143 1.92 21.81 -0.56
N THR A 144 2.75 22.52 0.24
CA THR A 144 2.25 23.66 1.03
C THR A 144 1.67 24.78 0.12
N PHE A 145 2.18 24.88 -1.12
CA PHE A 145 1.67 25.86 -2.07
C PHE A 145 0.24 25.53 -2.55
N LYS A 146 -0.13 24.23 -2.56
CA LYS A 146 -1.48 23.81 -2.97
C LYS A 146 -2.55 24.43 -2.06
N LEU A 147 -2.22 24.61 -0.76
CA LEU A 147 -3.13 25.19 0.24
C LEU A 147 -3.47 26.66 -0.03
N SER A 148 -2.58 27.39 -0.75
CA SER A 148 -2.76 28.80 -1.08
C SER A 148 -3.96 29.07 -2.00
N TYR A 149 -4.38 28.06 -2.75
CA TYR A 149 -5.50 28.18 -3.68
C TYR A 149 -6.85 28.16 -2.96
N GLY A 150 -7.82 28.88 -3.54
CA GLY A 150 -9.17 28.98 -3.00
C GLY A 150 -10.06 27.81 -3.34
N ILE A 151 -11.02 27.51 -2.45
CA ILE A 151 -11.98 26.41 -2.57
C ILE A 151 -13.03 26.68 -3.69
N ALA A 152 -13.34 25.65 -4.53
CA ALA A 152 -14.32 25.75 -5.63
C ALA A 152 -15.64 25.07 -5.27
N THR A 153 -16.73 25.84 -5.24
CA THR A 153 -18.03 25.35 -4.80
C THR A 153 -19.03 25.28 -5.96
N VAL A 154 -19.78 24.17 -6.09
CA VAL A 154 -20.76 24.02 -7.17
C VAL A 154 -21.96 24.97 -6.98
N ARG A 155 -22.13 25.91 -7.90
CA ARG A 155 -23.24 26.86 -7.84
C ARG A 155 -24.49 26.27 -8.55
N GLU A 156 -24.30 25.64 -9.74
CA GLU A 156 -25.38 24.99 -10.51
C GLU A 156 -24.89 23.80 -11.38
N VAL A 157 -25.75 22.79 -11.59
CA VAL A 157 -25.41 21.63 -12.42
C VAL A 157 -26.25 21.68 -13.70
N LEU A 158 -25.60 21.91 -14.85
CA LEU A 158 -26.30 22.02 -16.11
C LEU A 158 -26.68 20.62 -16.66
N SER A 159 -25.67 19.74 -16.81
CA SER A 159 -25.84 18.41 -17.37
C SER A 159 -24.87 17.39 -16.67
N ASP A 160 -24.60 16.23 -17.34
CA ASP A 160 -23.70 15.18 -16.86
C ASP A 160 -22.21 15.46 -17.14
N ARG A 161 -21.90 16.49 -17.94
CA ARG A 161 -20.53 16.83 -18.29
C ARG A 161 -20.30 18.35 -18.37
N GLU A 162 -21.12 19.16 -17.69
CA GLU A 162 -21.00 20.63 -17.67
C GLU A 162 -21.57 21.24 -16.36
N LEU A 163 -20.85 22.21 -15.75
CA LEU A 163 -21.33 22.89 -14.53
C LEU A 163 -20.80 24.36 -14.38
N HIS A 164 -21.26 25.09 -13.33
CA HIS A 164 -20.86 26.46 -12.99
C HIS A 164 -20.29 26.48 -11.55
N LEU A 165 -19.08 27.06 -11.34
CA LEU A 165 -18.40 27.11 -10.03
C LEU A 165 -18.36 28.51 -9.39
N SER A 166 -18.23 28.54 -8.06
CA SER A 166 -18.10 29.72 -7.21
C SER A 166 -16.73 29.64 -6.52
N TRP A 167 -15.89 30.69 -6.63
CA TRP A 167 -14.54 30.64 -6.07
C TRP A 167 -14.36 31.44 -4.81
N GLU A 168 -13.45 30.97 -3.94
CA GLU A 168 -13.16 31.62 -2.67
C GLU A 168 -12.49 32.95 -2.92
N VAL A 169 -13.03 34.01 -2.30
CA VAL A 169 -12.52 35.37 -2.43
C VAL A 169 -11.27 35.55 -1.56
N GLY A 170 -10.29 36.27 -2.07
CA GLY A 170 -9.04 36.51 -1.35
C GLY A 170 -7.95 35.46 -1.57
N LYS A 171 -8.29 34.36 -2.27
CA LYS A 171 -7.34 33.29 -2.58
C LYS A 171 -7.30 33.04 -4.08
N PRO A 172 -6.10 32.92 -4.66
CA PRO A 172 -6.01 32.70 -6.12
C PRO A 172 -6.65 31.41 -6.59
N ARG A 173 -7.03 31.38 -7.88
CA ARG A 173 -7.68 30.26 -8.55
C ARG A 173 -6.62 29.42 -9.27
N PRO A 174 -6.56 28.10 -9.01
CA PRO A 174 -5.54 27.27 -9.69
C PRO A 174 -5.84 27.09 -11.17
N PRO A 175 -4.81 27.01 -12.05
CA PRO A 175 -5.10 26.87 -13.49
C PRO A 175 -5.92 25.64 -13.87
N LEU A 176 -7.06 25.85 -14.58
CA LEU A 176 -7.93 24.74 -14.99
C LEU A 176 -7.45 23.99 -16.23
N ASN A 177 -6.99 22.77 -15.99
CA ASN A 177 -6.45 21.81 -16.95
C ASN A 177 -6.41 20.39 -16.30
N ARG A 178 -5.81 19.39 -16.96
CA ARG A 178 -5.68 18.04 -16.39
C ARG A 178 -4.54 17.97 -15.36
N ASN A 179 -3.54 18.86 -15.47
CA ASN A 179 -2.40 18.88 -14.52
C ASN A 179 -2.79 19.23 -13.08
N TYR A 180 -4.05 19.62 -12.83
CA TYR A 180 -4.52 20.01 -11.51
C TYR A 180 -5.69 19.12 -11.07
N VAL A 181 -5.44 18.09 -10.25
CA VAL A 181 -6.50 17.17 -9.84
C VAL A 181 -7.09 17.52 -8.47
N PHE A 182 -8.34 17.93 -8.49
CA PHE A 182 -9.07 18.29 -7.28
C PHE A 182 -9.57 17.05 -6.60
N THR A 183 -9.80 17.15 -5.29
CA THR A 183 -10.40 16.07 -4.54
C THR A 183 -11.78 16.61 -4.10
N GLY A 184 -12.81 15.92 -4.54
CA GLY A 184 -14.18 16.33 -4.26
C GLY A 184 -14.68 15.84 -2.92
N TYR A 185 -15.53 16.66 -2.27
CA TYR A 185 -16.11 16.34 -0.97
C TYR A 185 -17.58 16.74 -0.94
N GLN A 194 -15.82 12.80 0.53
CA GLN A 194 -14.69 12.21 -0.20
C GLN A 194 -15.21 11.55 -1.49
N ILE A 195 -16.05 12.30 -2.23
CA ILE A 195 -16.78 11.86 -3.43
C ILE A 195 -15.91 11.75 -4.73
N GLY A 196 -14.67 11.29 -4.60
CA GLY A 196 -13.78 11.03 -5.72
C GLY A 196 -13.04 12.21 -6.32
N GLU A 197 -11.86 11.96 -6.90
CA GLU A 197 -11.05 13.00 -7.54
C GLU A 197 -11.77 13.52 -8.80
N TYR A 198 -11.64 14.82 -9.07
CA TYR A 198 -12.28 15.44 -10.22
C TYR A 198 -11.29 16.36 -10.98
N THR A 199 -11.51 16.55 -12.30
CA THR A 199 -10.67 17.41 -13.16
C THR A 199 -11.56 18.42 -13.94
N PHE A 200 -11.02 19.62 -14.34
CA PHE A 200 -11.80 20.66 -15.05
C PHE A 200 -11.17 21.26 -16.34
N GLU A 201 -12.02 21.69 -17.31
CA GLU A 201 -11.63 22.33 -18.58
C GLU A 201 -12.60 23.46 -18.96
N LYS A 202 -12.09 24.58 -19.49
CA LYS A 202 -12.94 25.70 -19.90
C LYS A 202 -13.68 25.40 -21.21
N ASP A 207 -20.34 31.37 -19.43
CA ASP A 207 -19.70 30.78 -18.26
C ASP A 207 -19.78 29.25 -18.28
N ALA A 208 -19.51 28.63 -19.45
CA ALA A 208 -19.58 27.17 -19.58
C ALA A 208 -18.26 26.46 -19.24
N VAL A 209 -18.28 25.62 -18.20
CA VAL A 209 -17.10 24.85 -17.78
C VAL A 209 -17.43 23.32 -17.75
N VAL A 210 -16.41 22.49 -17.94
CA VAL A 210 -16.57 21.03 -18.03
C VAL A 210 -16.04 20.26 -16.78
N TYR A 211 -16.92 19.46 -16.10
CA TYR A 211 -16.51 18.70 -14.91
C TYR A 211 -16.18 17.22 -15.24
N ARG A 212 -15.13 16.65 -14.61
CA ARG A 212 -14.71 15.29 -14.90
C ARG A 212 -14.38 14.42 -13.67
N GLY A 213 -15.33 13.59 -13.28
CA GLY A 213 -15.16 12.75 -12.12
C GLY A 213 -14.60 11.37 -12.30
N THR A 214 -13.68 11.00 -11.42
CA THR A 214 -13.09 9.68 -11.41
C THR A 214 -14.18 8.71 -10.94
N THR A 215 -14.82 9.02 -9.82
CA THR A 215 -15.95 8.21 -9.34
C THR A 215 -17.23 8.90 -9.87
N THR A 216 -18.10 8.17 -10.59
CA THR A 216 -19.32 8.76 -11.14
C THR A 216 -20.29 9.14 -10.03
N TYR A 217 -20.62 10.42 -9.95
CA TYR A 217 -21.52 10.90 -8.91
C TYR A 217 -22.41 11.99 -9.44
N LYS A 218 -23.70 11.95 -9.05
CA LYS A 218 -24.72 12.92 -9.45
C LYS A 218 -24.39 14.28 -8.86
N LEU A 219 -23.61 15.10 -9.61
CA LEU A 219 -23.10 16.43 -9.26
C LEU A 219 -23.97 17.21 -8.25
N ASN A 220 -23.46 17.32 -7.00
CA ASN A 220 -24.13 17.96 -5.88
C ASN A 220 -23.82 19.46 -5.82
N VAL A 221 -24.88 20.29 -5.77
CA VAL A 221 -24.75 21.75 -5.66
C VAL A 221 -24.42 22.08 -4.19
N GLY A 222 -23.36 22.85 -3.99
CA GLY A 222 -22.94 23.22 -2.65
C GLY A 222 -21.72 22.44 -2.20
N ASP A 223 -21.57 21.19 -2.68
CA ASP A 223 -20.40 20.39 -2.32
C ASP A 223 -19.16 21.02 -2.96
N TYR A 224 -18.07 21.09 -2.20
CA TYR A 224 -16.83 21.75 -2.61
C TYR A 224 -15.72 20.78 -3.06
N PHE A 225 -14.70 21.30 -3.79
CA PHE A 225 -13.52 20.55 -4.25
C PHE A 225 -12.26 21.24 -3.75
N VAL A 226 -11.24 20.49 -3.30
CA VAL A 226 -9.95 21.03 -2.81
C VAL A 226 -8.75 20.16 -3.32
N LEU A 227 -7.64 20.76 -3.85
CA LEU A 227 -6.46 20.02 -4.31
C LEU A 227 -5.85 19.30 -3.13
N THR A 228 -6.03 17.98 -3.04
CA THR A 228 -5.54 17.20 -1.90
C THR A 228 -4.04 17.16 -1.78
N SER A 229 -3.53 17.95 -0.85
CA SER A 229 -2.10 18.01 -0.59
C SER A 229 -1.64 16.71 0.09
N HIS A 230 -0.80 15.91 -0.59
CA HIS A 230 -0.30 14.68 0.01
C HIS A 230 0.98 14.94 0.79
N THR A 231 1.17 14.14 1.83
CA THR A 231 2.32 14.21 2.72
C THR A 231 3.61 13.86 1.99
N VAL A 232 4.69 14.63 2.20
CA VAL A 232 6.01 14.39 1.58
C VAL A 232 6.83 13.57 2.53
N MET A 233 7.02 12.32 2.20
CA MET A 233 7.81 11.41 3.01
C MET A 233 9.30 11.73 2.82
N PRO A 234 10.12 11.40 3.82
CA PRO A 234 11.57 11.61 3.64
C PRO A 234 12.18 10.59 2.67
N LEU A 235 13.31 10.98 2.08
CA LEU A 235 14.07 10.19 1.13
C LEU A 235 15.27 9.59 1.84
N SER A 236 15.55 8.31 1.54
CA SER A 236 16.64 7.54 2.14
C SER A 236 17.61 7.00 1.09
N ALA A 237 17.05 6.40 0.01
CA ALA A 237 17.82 5.83 -1.09
C ALA A 237 18.35 6.90 -2.05
N PRO A 238 19.54 6.68 -2.66
CA PRO A 238 20.03 7.68 -3.65
C PRO A 238 19.15 7.71 -4.92
N THR A 239 19.34 8.73 -5.76
CA THR A 239 18.61 8.85 -7.05
C THR A 239 19.07 7.75 -7.99
N LEU A 240 20.39 7.53 -8.01
CA LEU A 240 21.11 6.50 -8.73
C LEU A 240 21.93 5.72 -7.74
N VAL A 241 21.89 4.39 -7.80
CA VAL A 241 22.75 3.59 -6.89
C VAL A 241 24.23 3.76 -7.37
N PRO A 242 25.26 3.42 -6.57
CA PRO A 242 26.64 3.57 -7.08
C PRO A 242 26.82 2.60 -8.26
N GLN A 243 27.43 3.10 -9.34
CA GLN A 243 27.62 2.30 -10.54
C GLN A 243 28.60 1.16 -10.34
N GLU A 244 28.29 -0.02 -10.92
CA GLU A 244 29.16 -1.18 -10.87
C GLU A 244 29.34 -1.74 -12.28
N HIS A 245 30.57 -2.06 -12.64
CA HIS A 245 30.84 -2.65 -13.93
C HIS A 245 31.34 -4.04 -13.69
N TYR A 246 30.77 -4.99 -14.41
CA TYR A 246 31.11 -6.39 -14.27
C TYR A 246 31.81 -6.90 -15.51
N VAL A 247 32.62 -7.96 -15.32
CA VAL A 247 33.41 -8.65 -16.36
C VAL A 247 32.54 -9.54 -17.26
N ARG A 248 31.42 -9.98 -16.74
CA ARG A 248 30.50 -10.86 -17.44
C ARG A 248 29.09 -10.59 -16.92
N ILE A 249 28.08 -11.11 -17.66
CA ILE A 249 26.65 -10.95 -17.31
C ILE A 249 26.41 -11.55 -15.95
N THR A 250 25.96 -10.72 -15.03
CA THR A 250 25.84 -11.05 -13.63
C THR A 250 24.40 -11.29 -13.16
N GLY A 251 24.13 -12.47 -12.63
CA GLY A 251 22.82 -12.81 -12.09
C GLY A 251 21.68 -12.95 -13.07
N LEU A 252 22.01 -12.93 -14.36
CA LEU A 252 21.02 -13.03 -15.41
C LEU A 252 21.43 -14.17 -16.33
N TYR A 253 20.45 -14.91 -16.83
CA TYR A 253 20.73 -16.05 -17.67
C TYR A 253 20.11 -15.86 -19.08
N PRO A 254 20.98 -15.54 -20.07
CA PRO A 254 20.48 -15.25 -21.43
C PRO A 254 20.05 -16.47 -22.25
N THR A 255 19.30 -16.24 -23.36
CA THR A 255 19.00 -17.33 -24.29
C THR A 255 20.12 -17.34 -25.37
N LEU A 256 20.17 -18.41 -26.11
CA LEU A 256 21.01 -18.63 -27.29
C LEU A 256 20.03 -18.47 -28.48
N ASN A 257 18.83 -19.09 -28.35
CA ASN A 257 17.67 -19.02 -29.20
C ASN A 257 16.98 -17.70 -28.82
N ILE A 258 17.40 -16.59 -29.46
CA ILE A 258 16.83 -15.25 -29.24
C ILE A 258 16.15 -14.79 -30.55
N SER A 259 14.80 -14.54 -30.52
CA SER A 259 14.00 -14.17 -31.70
C SER A 259 14.65 -13.10 -32.56
N ASP A 260 14.71 -13.30 -33.88
CA ASP A 260 15.33 -12.36 -34.80
C ASP A 260 14.81 -10.93 -34.65
N GLU A 261 13.52 -10.81 -34.26
CA GLU A 261 12.78 -9.58 -33.99
C GLU A 261 13.53 -8.66 -33.02
N PHE A 262 14.28 -9.25 -32.06
CA PHE A 262 15.05 -8.58 -30.99
C PHE A 262 16.55 -8.73 -31.08
N SER A 263 17.06 -9.28 -32.19
CA SER A 263 18.50 -9.47 -32.40
C SER A 263 19.28 -8.17 -32.47
N SER A 264 18.65 -7.10 -32.93
CA SER A 264 19.30 -5.78 -33.01
C SER A 264 19.69 -5.25 -31.63
N ASN A 265 19.03 -5.72 -30.56
CA ASN A 265 19.32 -5.25 -29.22
C ASN A 265 20.14 -6.22 -28.38
N VAL A 266 20.59 -7.37 -28.93
CA VAL A 266 21.37 -8.35 -28.16
C VAL A 266 22.62 -7.74 -27.51
N ALA A 267 23.44 -6.98 -28.28
CA ALA A 267 24.65 -6.38 -27.72
C ALA A 267 24.30 -5.41 -26.57
N ASN A 268 23.17 -4.68 -26.70
CA ASN A 268 22.70 -3.76 -25.66
C ASN A 268 22.12 -4.52 -24.42
N TYR A 269 21.42 -5.65 -24.64
CA TYR A 269 20.88 -6.50 -23.55
C TYR A 269 22.00 -7.10 -22.73
N GLN A 270 23.14 -7.42 -23.37
CA GLN A 270 24.32 -7.95 -22.70
C GLN A 270 24.96 -6.84 -21.89
N LYS A 271 25.05 -5.60 -22.44
CA LYS A 271 25.55 -4.41 -21.76
C LYS A 271 24.76 -4.20 -20.46
N VAL A 272 23.42 -4.42 -20.49
CA VAL A 272 22.52 -4.34 -19.34
C VAL A 272 22.92 -5.32 -18.18
N GLY A 273 23.34 -6.55 -18.52
CA GLY A 273 23.76 -7.54 -17.53
C GLY A 273 25.18 -7.38 -17.02
N MET A 274 25.97 -6.51 -17.65
CA MET A 274 27.36 -6.26 -17.25
C MET A 274 27.61 -4.96 -16.54
N GLN A 275 26.55 -4.31 -16.05
CA GLN A 275 26.55 -3.04 -15.32
C GLN A 275 25.43 -3.07 -14.24
N LYS A 276 25.57 -2.30 -13.16
CA LYS A 276 24.52 -2.21 -12.14
C LYS A 276 23.31 -1.48 -12.77
N TYR A 277 23.56 -0.33 -13.39
CA TYR A 277 22.51 0.42 -14.08
C TYR A 277 22.98 0.85 -15.47
N SER A 278 22.02 1.09 -16.36
CA SER A 278 22.33 1.56 -17.72
C SER A 278 21.29 2.52 -18.21
N THR A 279 21.71 3.51 -19.03
CA THR A 279 20.81 4.51 -19.59
C THR A 279 20.60 4.26 -21.09
N LEU A 280 19.35 4.36 -21.54
CA LEU A 280 19.05 4.19 -22.96
C LEU A 280 18.33 5.47 -23.46
N GLN A 281 18.93 6.15 -24.46
CA GLN A 281 18.26 7.27 -25.10
C GLN A 281 17.56 6.76 -26.35
N GLY A 282 16.25 6.90 -26.34
CA GLY A 282 15.44 6.49 -27.47
C GLY A 282 14.56 7.62 -27.98
N PRO A 283 15.02 8.29 -29.05
CA PRO A 283 14.17 9.31 -29.71
C PRO A 283 12.80 8.73 -30.13
N PRO A 284 11.83 9.57 -30.57
CA PRO A 284 10.51 9.04 -30.91
C PRO A 284 10.53 7.90 -31.92
N GLY A 285 9.82 6.81 -31.61
CA GLY A 285 9.63 5.69 -32.51
C GLY A 285 10.86 4.89 -32.87
N THR A 286 11.87 4.92 -32.00
CA THR A 286 13.11 4.19 -32.23
C THR A 286 13.12 2.77 -31.65
N GLY A 287 12.10 2.41 -30.88
CA GLY A 287 11.96 1.08 -30.31
C GLY A 287 12.16 0.93 -28.82
N LYS A 288 11.78 1.93 -27.99
CA LYS A 288 11.96 1.82 -26.55
C LYS A 288 11.14 0.67 -25.91
N SER A 289 9.80 0.58 -26.18
CA SER A 289 8.97 -0.49 -25.61
C SER A 289 9.45 -1.83 -26.11
N HIS A 290 9.85 -1.89 -27.39
CA HIS A 290 10.36 -3.09 -28.02
C HIS A 290 11.63 -3.55 -27.31
N PHE A 291 12.52 -2.60 -26.98
CA PHE A 291 13.73 -2.88 -26.21
C PHE A 291 13.36 -3.37 -24.80
N ALA A 292 12.48 -2.64 -24.12
CA ALA A 292 12.05 -2.99 -22.76
C ALA A 292 11.48 -4.41 -22.67
N ILE A 293 10.55 -4.80 -23.56
CA ILE A 293 9.94 -6.13 -23.56
C ILE A 293 10.91 -7.20 -24.06
N GLY A 294 11.75 -6.85 -25.01
CA GLY A 294 12.75 -7.77 -25.56
C GLY A 294 13.81 -8.20 -24.58
N LEU A 295 14.06 -7.38 -23.60
CA LEU A 295 15.00 -7.66 -22.53
C LEU A 295 14.49 -8.87 -21.70
N ALA A 296 13.14 -9.05 -21.59
CA ALA A 296 12.49 -10.18 -20.90
C ALA A 296 12.64 -11.46 -21.71
N LEU A 297 12.62 -11.35 -23.04
CA LEU A 297 12.84 -12.51 -23.89
C LEU A 297 14.34 -12.89 -23.92
N TYR A 298 15.25 -11.92 -23.74
CA TYR A 298 16.67 -12.20 -23.68
C TYR A 298 17.07 -12.83 -22.36
N TYR A 299 16.49 -12.41 -21.22
CA TYR A 299 16.76 -13.04 -19.91
C TYR A 299 15.44 -13.62 -19.47
N PRO A 300 15.10 -14.81 -20.01
CA PRO A 300 13.73 -15.36 -19.82
C PRO A 300 13.37 -15.81 -18.41
N SER A 301 14.38 -16.05 -17.57
CA SER A 301 14.22 -16.49 -16.19
C SER A 301 14.09 -15.29 -15.20
N ALA A 302 14.67 -14.15 -15.58
CA ALA A 302 14.66 -12.92 -14.80
C ALA A 302 13.27 -12.34 -14.46
N ARG A 303 13.10 -11.92 -13.22
CA ARG A 303 11.89 -11.27 -12.74
C ARG A 303 12.06 -9.75 -13.03
N ILE A 304 11.18 -9.19 -13.87
CA ILE A 304 11.31 -7.78 -14.26
C ILE A 304 10.16 -6.93 -13.78
N VAL A 305 10.53 -5.84 -13.11
CA VAL A 305 9.55 -4.89 -12.67
C VAL A 305 9.67 -3.70 -13.61
N TYR A 306 8.57 -3.41 -14.29
CA TYR A 306 8.43 -2.32 -15.24
C TYR A 306 7.73 -1.19 -14.54
N THR A 307 8.37 -0.02 -14.53
CA THR A 307 7.84 1.17 -13.86
C THR A 307 8.03 2.42 -14.72
N ALA A 308 7.18 3.43 -14.46
CA ALA A 308 7.17 4.77 -15.04
C ALA A 308 6.35 5.68 -14.09
N CYS A 309 6.40 7.01 -14.25
CA CYS A 309 5.62 7.88 -13.35
C CYS A 309 4.11 7.83 -13.69
N SER A 310 3.78 7.83 -14.98
CA SER A 310 2.38 7.86 -15.40
C SER A 310 1.74 6.48 -15.68
N HIS A 311 0.41 6.43 -15.54
CA HIS A 311 -0.37 5.25 -15.85
C HIS A 311 -0.31 4.99 -17.33
N ALA A 312 -0.36 6.05 -18.17
CA ALA A 312 -0.24 5.89 -19.62
C ALA A 312 1.09 5.19 -20.01
N ALA A 313 2.23 5.62 -19.44
CA ALA A 313 3.52 4.99 -19.76
C ALA A 313 3.60 3.54 -19.32
N VAL A 314 3.00 3.20 -18.16
CA VAL A 314 2.98 1.83 -17.65
C VAL A 314 2.10 0.94 -18.56
N ASP A 315 0.94 1.51 -19.00
CA ASP A 315 -0.06 0.90 -19.91
C ASP A 315 0.52 0.64 -21.30
N ALA A 316 1.39 1.54 -21.77
CA ALA A 316 2.07 1.35 -23.05
C ALA A 316 3.05 0.15 -22.94
N LEU A 317 3.71 -0.02 -21.75
CA LEU A 317 4.58 -1.18 -21.54
C LEU A 317 3.74 -2.49 -21.47
N CYS A 318 2.52 -2.41 -20.87
CA CYS A 318 1.59 -3.52 -20.79
C CYS A 318 1.12 -3.96 -22.19
N GLU A 319 0.79 -3.00 -23.09
CA GLU A 319 0.35 -3.32 -24.45
C GLU A 319 1.42 -4.08 -25.24
N LYS A 320 2.69 -3.64 -25.11
CA LYS A 320 3.83 -4.30 -25.75
C LYS A 320 4.10 -5.69 -25.13
N ALA A 321 3.90 -5.86 -23.82
CA ALA A 321 4.12 -7.15 -23.16
C ALA A 321 3.03 -8.18 -23.51
N LEU A 322 1.80 -7.71 -23.67
CA LEU A 322 0.65 -8.52 -24.03
C LEU A 322 0.90 -9.29 -25.36
N LYS A 323 1.65 -8.66 -26.28
CA LYS A 323 2.01 -9.17 -27.59
C LYS A 323 3.21 -10.19 -27.57
N TYR A 324 4.17 -10.08 -26.62
CA TYR A 324 5.36 -10.95 -26.61
C TYR A 324 5.58 -11.84 -25.39
N LEU A 325 5.01 -11.47 -24.25
CA LEU A 325 5.21 -12.15 -22.98
C LEU A 325 3.98 -12.94 -22.54
N PRO A 326 4.21 -14.10 -21.86
CA PRO A 326 3.08 -14.91 -21.39
C PRO A 326 2.19 -14.18 -20.39
N ILE A 327 0.91 -13.99 -20.73
CA ILE A 327 -0.09 -13.26 -19.95
C ILE A 327 -0.22 -13.71 -18.46
N ASP A 328 -0.03 -15.01 -18.17
CA ASP A 328 -0.13 -15.49 -16.79
C ASP A 328 1.04 -15.09 -15.90
N LYS A 329 2.19 -14.69 -16.48
CA LYS A 329 3.30 -14.22 -15.66
C LYS A 329 3.36 -12.67 -15.57
N CYS A 330 2.26 -11.98 -15.94
CA CYS A 330 2.12 -10.52 -15.87
C CYS A 330 1.09 -10.08 -14.85
N SER A 331 1.36 -8.93 -14.24
CA SER A 331 0.44 -8.34 -13.31
C SER A 331 0.53 -6.82 -13.36
N ARG A 332 -0.62 -6.15 -13.44
CA ARG A 332 -0.68 -4.70 -13.43
C ARG A 332 -1.07 -4.24 -12.00
N ILE A 333 -0.11 -3.64 -11.23
CA ILE A 333 -0.37 -3.17 -9.86
C ILE A 333 -1.14 -1.87 -9.93
N ILE A 334 -2.32 -1.85 -9.34
CA ILE A 334 -3.23 -0.72 -9.33
C ILE A 334 -3.48 -0.27 -7.89
N PRO A 335 -3.20 1.01 -7.56
CA PRO A 335 -3.45 1.47 -6.18
C PRO A 335 -4.93 1.44 -5.87
N ALA A 336 -5.28 0.98 -4.64
CA ALA A 336 -6.64 0.90 -4.14
C ALA A 336 -7.41 2.22 -4.37
N ARG A 337 -6.68 3.37 -4.31
CA ARG A 337 -7.23 4.69 -4.65
C ARG A 337 -7.12 4.78 -6.18
N ALA A 338 -7.99 4.04 -6.90
CA ALA A 338 -8.01 3.98 -8.35
C ALA A 338 -8.45 5.33 -8.94
N ARG A 339 -7.46 6.10 -9.40
CA ARG A 339 -7.66 7.44 -9.94
C ARG A 339 -8.25 7.40 -11.38
N VAL A 340 -7.48 6.95 -12.40
CA VAL A 340 -8.00 6.87 -13.77
C VAL A 340 -8.01 5.43 -14.33
N GLU A 341 -8.75 5.20 -15.44
CA GLU A 341 -8.88 3.94 -16.16
C GLU A 341 -7.54 3.54 -16.74
N CYS A 342 -7.03 2.36 -16.35
CA CYS A 342 -5.76 1.85 -16.88
C CYS A 342 -5.89 0.40 -17.40
N PHE A 343 -4.77 -0.21 -17.82
CA PHE A 343 -4.66 -1.54 -18.39
C PHE A 343 -5.42 -2.61 -17.60
N ASP A 344 -6.32 -3.35 -18.29
CA ASP A 344 -7.24 -4.37 -17.76
C ASP A 344 -6.97 -5.86 -18.17
N LYS A 345 -5.94 -6.16 -18.98
CA LYS A 345 -5.74 -7.54 -19.45
C LYS A 345 -4.71 -8.37 -18.65
N PHE A 346 -4.20 -7.92 -17.49
CA PHE A 346 -3.32 -8.75 -16.64
C PHE A 346 -4.04 -8.99 -15.30
N LYS A 347 -3.61 -10.02 -14.53
CA LYS A 347 -4.19 -10.25 -13.20
C LYS A 347 -3.76 -9.05 -12.31
N VAL A 348 -4.73 -8.34 -11.73
CA VAL A 348 -4.43 -7.14 -10.95
C VAL A 348 -3.92 -7.40 -9.53
N ASN A 349 -2.83 -6.69 -9.15
CA ASN A 349 -2.20 -6.65 -7.83
C ASN A 349 -1.59 -7.97 -7.33
N SER A 350 -0.98 -8.71 -8.25
CA SER A 350 -0.28 -9.93 -7.91
C SER A 350 1.19 -9.59 -8.00
N THR A 351 1.73 -8.98 -6.94
CA THR A 351 3.12 -8.54 -6.78
C THR A 351 4.18 -9.62 -7.09
N LEU A 352 3.83 -10.88 -6.91
CA LEU A 352 4.77 -11.99 -7.07
C LEU A 352 4.93 -12.52 -8.50
N GLU A 353 4.08 -12.08 -9.47
CA GLU A 353 4.20 -12.53 -10.87
C GLU A 353 5.57 -12.12 -11.43
N GLN A 354 6.10 -12.91 -12.39
CA GLN A 354 7.42 -12.63 -12.99
C GLN A 354 7.57 -11.21 -13.59
N TYR A 355 6.48 -10.68 -14.15
CA TYR A 355 6.46 -9.36 -14.77
C TYR A 355 5.45 -8.49 -14.07
N VAL A 356 5.94 -7.42 -13.43
CA VAL A 356 5.08 -6.51 -12.69
C VAL A 356 5.14 -5.14 -13.31
N PHE A 357 3.98 -4.62 -13.68
CA PHE A 357 3.88 -3.32 -14.33
C PHE A 357 3.18 -2.42 -13.34
N CYS A 358 3.84 -1.34 -12.90
CA CYS A 358 3.32 -0.46 -11.86
C CYS A 358 3.89 0.98 -11.90
N THR A 359 3.03 1.98 -11.58
CA THR A 359 3.52 3.36 -11.51
C THR A 359 4.48 3.53 -10.28
N VAL A 360 5.37 4.54 -10.30
CA VAL A 360 6.32 4.74 -9.19
C VAL A 360 5.63 4.91 -7.83
N ASN A 361 4.56 5.76 -7.76
CA ASN A 361 3.81 6.07 -6.53
C ASN A 361 3.08 4.86 -5.91
N ALA A 362 2.86 3.78 -6.72
CA ALA A 362 2.20 2.55 -6.26
C ALA A 362 3.15 1.35 -6.08
N LEU A 363 4.47 1.53 -6.27
CA LEU A 363 5.42 0.44 -6.16
C LEU A 363 5.39 -0.27 -4.84
N PRO A 364 5.28 -1.61 -4.87
CA PRO A 364 5.39 -2.35 -3.62
C PRO A 364 6.85 -2.47 -3.18
N GLU A 365 7.07 -2.96 -1.96
CA GLU A 365 8.41 -3.18 -1.46
C GLU A 365 8.78 -4.59 -1.81
N THR A 366 9.58 -4.72 -2.86
CA THR A 366 9.98 -6.01 -3.41
C THR A 366 11.41 -5.96 -4.03
N THR A 367 11.89 -7.09 -4.55
CA THR A 367 13.16 -7.18 -5.22
C THR A 367 12.95 -7.68 -6.68
N ALA A 368 13.96 -7.51 -7.54
CA ALA A 368 13.88 -7.91 -8.95
C ALA A 368 15.26 -8.21 -9.52
N ASP A 369 15.33 -8.98 -10.60
CA ASP A 369 16.61 -9.23 -11.29
C ASP A 369 16.91 -8.00 -12.17
N ILE A 370 15.84 -7.43 -12.80
CA ILE A 370 15.92 -6.22 -13.59
C ILE A 370 14.75 -5.31 -13.25
N VAL A 371 15.06 -4.04 -13.09
CA VAL A 371 14.04 -3.01 -12.95
C VAL A 371 14.18 -2.15 -14.21
N VAL A 372 13.07 -1.94 -14.93
CA VAL A 372 13.06 -1.09 -16.10
C VAL A 372 12.24 0.13 -15.73
N PHE A 373 12.85 1.32 -15.77
CA PHE A 373 12.16 2.58 -15.48
C PHE A 373 12.09 3.31 -16.82
N ASP A 374 10.87 3.44 -17.37
CA ASP A 374 10.57 4.06 -18.66
C ASP A 374 10.17 5.53 -18.53
N GLU A 375 10.21 6.28 -19.65
CA GLU A 375 9.87 7.69 -19.75
C GLU A 375 10.66 8.51 -18.69
N ILE A 376 12.00 8.31 -18.68
CA ILE A 376 12.89 8.91 -17.70
C ILE A 376 12.94 10.42 -17.75
N SER A 377 12.63 11.09 -18.88
CA SER A 377 12.61 12.55 -18.88
C SER A 377 11.48 13.09 -17.94
N MET A 378 10.40 12.30 -17.71
CA MET A 378 9.26 12.64 -16.84
C MET A 378 9.50 12.37 -15.34
N ALA A 379 10.60 11.68 -14.99
CA ALA A 379 10.89 11.41 -13.59
C ALA A 379 11.56 12.61 -12.94
N THR A 380 11.30 12.80 -11.66
CA THR A 380 11.97 13.82 -10.85
C THR A 380 13.00 13.03 -10.01
N ASN A 381 13.90 13.74 -9.30
CA ASN A 381 14.84 13.05 -8.43
C ASN A 381 14.14 12.38 -7.23
N TYR A 382 12.94 12.89 -6.84
CA TYR A 382 12.12 12.31 -5.80
C TYR A 382 11.69 10.88 -6.28
N ASP A 383 11.17 10.77 -7.51
CA ASP A 383 10.76 9.49 -8.12
C ASP A 383 11.96 8.53 -8.27
N LEU A 384 13.14 9.04 -8.70
CA LEU A 384 14.35 8.24 -8.82
C LEU A 384 14.72 7.57 -7.50
N SER A 385 14.67 8.34 -6.40
CA SER A 385 14.96 7.89 -5.05
C SER A 385 13.93 6.85 -4.55
N VAL A 386 12.60 7.09 -4.71
CA VAL A 386 11.51 6.18 -4.33
C VAL A 386 11.73 4.80 -4.95
N VAL A 387 12.06 4.77 -6.25
CA VAL A 387 12.33 3.51 -6.94
C VAL A 387 13.49 2.74 -6.28
N ASN A 388 14.57 3.44 -5.88
CA ASN A 388 15.68 2.79 -5.23
C ASN A 388 15.35 2.29 -3.80
N ALA A 389 14.35 2.94 -3.15
CA ALA A 389 13.91 2.59 -1.82
C ALA A 389 12.90 1.42 -1.79
N ARG A 390 12.04 1.30 -2.81
CA ARG A 390 11.04 0.22 -2.84
C ARG A 390 11.52 -1.04 -3.59
N LEU A 391 12.46 -0.87 -4.52
CA LEU A 391 12.96 -1.98 -5.31
C LEU A 391 14.46 -2.22 -5.17
N ARG A 392 14.83 -3.42 -4.72
CA ARG A 392 16.24 -3.78 -4.64
C ARG A 392 16.52 -4.73 -5.81
N ALA A 393 17.23 -4.25 -6.84
CA ALA A 393 17.47 -5.02 -8.06
C ALA A 393 18.94 -5.34 -8.40
N LYS A 394 19.18 -6.42 -9.15
CA LYS A 394 20.51 -6.75 -9.64
C LYS A 394 20.91 -5.73 -10.72
N HIS A 395 19.93 -5.32 -11.58
CA HIS A 395 20.12 -4.40 -12.68
C HIS A 395 18.99 -3.44 -12.80
N TYR A 396 19.33 -2.18 -13.09
CA TYR A 396 18.34 -1.11 -13.26
C TYR A 396 18.56 -0.52 -14.66
N VAL A 397 17.48 -0.38 -15.43
CA VAL A 397 17.59 0.17 -16.77
C VAL A 397 16.72 1.38 -16.86
N TYR A 398 17.29 2.53 -17.25
CA TYR A 398 16.58 3.80 -17.37
C TYR A 398 16.39 4.12 -18.81
N ILE A 399 15.14 4.19 -19.24
CA ILE A 399 14.80 4.44 -20.64
C ILE A 399 14.02 5.73 -20.80
N GLY A 400 14.39 6.48 -21.81
CA GLY A 400 13.69 7.71 -22.15
C GLY A 400 14.46 8.54 -23.14
N ASP A 401 14.22 9.84 -23.12
CA ASP A 401 14.87 10.76 -24.05
C ASP A 401 14.88 12.15 -23.42
N PRO A 402 16.09 12.68 -23.12
CA PRO A 402 16.19 14.05 -22.58
C PRO A 402 15.79 15.15 -23.57
N ALA A 403 15.54 14.80 -24.85
CA ALA A 403 15.01 15.73 -25.85
C ALA A 403 13.45 15.73 -25.85
N GLN A 404 12.82 14.99 -24.92
CA GLN A 404 11.39 15.01 -24.76
C GLN A 404 11.00 15.79 -23.50
N LEU A 405 9.71 15.92 -23.23
CA LEU A 405 9.22 16.75 -22.13
C LEU A 405 9.49 16.24 -20.73
N PRO A 406 9.85 17.18 -19.81
CA PRO A 406 10.06 16.80 -18.40
C PRO A 406 8.75 16.91 -17.58
N ALA A 407 8.83 16.49 -16.29
CA ALA A 407 7.70 16.60 -15.38
C ALA A 407 7.44 18.07 -15.11
N PRO A 408 6.17 18.49 -15.08
CA PRO A 408 5.88 19.91 -14.82
C PRO A 408 6.37 20.37 -13.45
N ARG A 409 7.03 21.51 -13.40
CA ARG A 409 7.52 22.06 -12.13
C ARG A 409 6.60 23.22 -11.82
N THR A 410 5.51 22.91 -11.09
CA THR A 410 4.46 23.88 -10.75
C THR A 410 4.98 25.16 -10.10
N LEU A 411 6.06 25.10 -9.31
CA LEU A 411 6.60 26.29 -8.68
C LEU A 411 7.50 27.13 -9.60
N LEU A 412 8.08 26.52 -10.62
CA LEU A 412 9.01 27.23 -11.50
C LEU A 412 8.34 28.25 -12.43
N THR A 413 8.64 29.53 -12.24
CA THR A 413 8.10 30.59 -13.08
C THR A 413 9.20 31.40 -13.79
N LYS A 414 10.41 31.39 -13.24
CA LYS A 414 11.51 32.18 -13.79
C LYS A 414 12.67 31.31 -14.32
N GLY A 415 12.92 31.40 -15.62
CA GLY A 415 13.97 30.64 -16.26
C GLY A 415 13.44 29.39 -16.91
N THR A 416 14.25 28.82 -17.79
CA THR A 416 13.88 27.58 -18.47
C THR A 416 14.77 26.47 -17.94
N LEU A 417 14.15 25.34 -17.64
CA LEU A 417 14.89 24.18 -17.14
C LEU A 417 15.45 23.33 -18.32
N GLU A 418 16.78 23.30 -18.48
CA GLU A 418 17.46 22.52 -19.51
C GLU A 418 17.44 21.01 -19.26
N PRO A 419 17.40 20.17 -20.34
CA PRO A 419 17.39 18.69 -20.18
C PRO A 419 18.41 18.09 -19.22
N GLU A 420 19.63 18.64 -19.18
CA GLU A 420 20.63 18.14 -18.24
C GLU A 420 20.29 18.38 -16.76
N TYR A 421 19.19 19.07 -16.49
CA TYR A 421 18.76 19.36 -15.15
C TYR A 421 17.38 18.73 -14.80
N PHE A 422 16.85 17.85 -15.68
CA PHE A 422 15.56 17.22 -15.44
C PHE A 422 15.64 16.30 -14.25
N ASN A 423 16.68 15.49 -14.21
CA ASN A 423 16.94 14.54 -13.10
C ASN A 423 18.36 14.00 -13.26
N SER A 424 18.81 13.11 -12.34
CA SER A 424 20.15 12.53 -12.35
C SER A 424 20.44 11.76 -13.63
N VAL A 425 19.43 10.99 -14.12
CA VAL A 425 19.58 10.17 -15.31
C VAL A 425 19.80 11.05 -16.55
N CYS A 426 18.96 12.09 -16.68
CA CYS A 426 19.06 13.06 -17.78
C CYS A 426 20.34 13.80 -17.75
N ARG A 427 20.78 14.18 -16.56
CA ARG A 427 22.05 14.84 -16.37
C ARG A 427 23.20 13.98 -16.93
N LEU A 428 23.22 12.67 -16.61
CA LEU A 428 24.23 11.76 -17.14
C LEU A 428 24.14 11.67 -18.66
N MET A 429 22.94 11.44 -19.21
CA MET A 429 22.73 11.34 -20.66
C MET A 429 23.19 12.58 -21.45
N LYS A 430 23.11 13.76 -20.84
CA LYS A 430 23.51 14.99 -21.52
C LYS A 430 24.98 15.36 -21.29
N THR A 431 25.62 14.76 -20.30
CA THR A 431 27.02 15.09 -19.98
C THR A 431 27.99 13.98 -20.44
N ILE A 432 27.87 12.77 -19.87
CA ILE A 432 28.73 11.63 -20.25
C ILE A 432 28.13 10.78 -21.42
N GLY A 433 26.94 11.17 -21.90
CA GLY A 433 26.22 10.45 -22.95
C GLY A 433 25.49 9.23 -22.41
N PRO A 434 24.47 8.77 -23.13
CA PRO A 434 23.77 7.56 -22.68
C PRO A 434 24.60 6.30 -22.97
N ASP A 435 24.36 5.24 -22.20
CA ASP A 435 25.05 3.97 -22.42
C ASP A 435 24.64 3.37 -23.76
N MET A 436 23.34 3.55 -24.13
CA MET A 436 22.80 3.02 -25.37
C MET A 436 21.93 4.07 -26.07
N PHE A 437 21.92 4.10 -27.41
CA PHE A 437 21.13 5.07 -28.19
C PHE A 437 20.45 4.38 -29.35
N LEU A 438 19.09 4.45 -29.41
CA LEU A 438 18.33 3.86 -30.53
C LEU A 438 18.33 4.90 -31.69
N GLY A 439 19.19 4.67 -32.66
CA GLY A 439 19.45 5.63 -33.73
C GLY A 439 18.55 5.69 -34.94
N THR A 440 17.58 4.76 -35.07
CA THR A 440 16.72 4.78 -36.25
C THR A 440 15.24 4.95 -35.90
N CYS A 441 14.68 6.06 -36.37
CA CYS A 441 13.27 6.34 -36.17
C CYS A 441 12.45 5.58 -37.20
N ARG A 442 11.60 4.66 -36.73
CA ARG A 442 10.77 3.88 -37.65
C ARG A 442 9.34 4.41 -37.80
N ARG A 443 8.96 5.45 -37.06
CA ARG A 443 7.59 5.94 -37.08
C ARG A 443 7.33 7.03 -38.10
N CYS A 444 8.18 8.04 -38.10
CA CYS A 444 7.91 9.26 -38.81
C CYS A 444 8.35 9.29 -40.22
N PRO A 445 7.58 10.04 -41.06
CA PRO A 445 8.04 10.30 -42.43
C PRO A 445 9.39 11.07 -42.36
N ALA A 446 10.28 10.83 -43.30
CA ALA A 446 11.61 11.45 -43.30
C ALA A 446 11.64 12.96 -43.08
N GLU A 447 10.66 13.76 -43.58
CA GLU A 447 10.64 15.21 -43.34
C GLU A 447 10.77 15.55 -41.84
N ILE A 448 10.01 14.82 -41.00
CA ILE A 448 9.97 14.97 -39.56
C ILE A 448 11.25 14.47 -38.93
N VAL A 449 11.74 13.28 -39.33
CA VAL A 449 12.96 12.75 -38.78
C VAL A 449 14.16 13.69 -39.06
N ASP A 450 14.24 14.24 -40.27
CA ASP A 450 15.32 15.15 -40.64
C ASP A 450 15.28 16.44 -39.84
N THR A 451 14.06 16.96 -39.57
CA THR A 451 13.88 18.18 -38.80
C THR A 451 14.33 18.03 -37.32
N VAL A 452 13.83 17.01 -36.59
CA VAL A 452 14.17 16.78 -35.18
C VAL A 452 15.59 16.25 -35.01
N SER A 453 16.13 15.51 -36.01
CA SER A 453 17.51 15.03 -35.96
C SER A 453 18.46 16.22 -35.89
N ALA A 454 18.20 17.28 -36.69
CA ALA A 454 19.02 18.48 -36.70
C ALA A 454 18.74 19.36 -35.45
N LEU A 455 17.48 19.47 -35.08
CA LEU A 455 17.05 20.28 -33.95
C LEU A 455 17.56 19.83 -32.58
N VAL A 456 17.43 18.52 -32.23
CA VAL A 456 17.79 18.08 -30.86
C VAL A 456 18.71 16.86 -30.75
N TYR A 457 19.01 16.18 -31.87
CA TYR A 457 19.82 14.95 -31.80
C TYR A 457 21.20 15.03 -32.42
N ASP A 458 21.74 16.25 -32.70
CA ASP A 458 23.05 16.43 -33.34
C ASP A 458 23.23 15.60 -34.63
N ASN A 459 22.15 15.47 -35.42
CA ASN A 459 22.13 14.75 -36.69
C ASN A 459 22.44 13.25 -36.55
N LYS A 460 22.16 12.66 -35.39
CA LYS A 460 22.41 11.23 -35.14
C LYS A 460 21.16 10.35 -35.23
N LEU A 461 19.97 10.97 -35.45
CA LEU A 461 18.75 10.20 -35.60
C LEU A 461 18.53 10.02 -37.10
N LYS A 462 18.34 8.77 -37.52
CA LYS A 462 18.15 8.45 -38.92
C LYS A 462 16.72 8.05 -39.26
N ALA A 463 16.24 8.36 -40.49
CA ALA A 463 14.87 8.00 -40.90
C ALA A 463 14.86 6.65 -41.52
N HIS A 464 13.86 5.86 -41.18
CA HIS A 464 13.66 4.56 -41.78
C HIS A 464 12.61 4.75 -42.90
N LYS A 465 11.51 5.47 -42.61
CA LYS A 465 10.52 5.73 -43.63
C LYS A 465 11.06 6.73 -44.64
N ASP A 466 10.47 6.70 -45.85
CA ASP A 466 10.75 7.66 -46.91
C ASP A 466 10.06 8.99 -46.49
N LYS A 467 10.30 10.08 -47.25
CA LYS A 467 9.54 11.31 -47.08
C LYS A 467 8.09 10.96 -47.53
N SER A 468 7.08 11.31 -46.72
CA SER A 468 5.70 11.00 -47.07
C SER A 468 5.11 11.97 -48.10
N ALA A 469 5.68 13.20 -48.22
CA ALA A 469 5.13 14.31 -49.00
C ALA A 469 3.73 14.72 -48.51
N GLN A 470 3.49 14.47 -47.20
CA GLN A 470 2.27 14.83 -46.48
C GLN A 470 2.64 15.64 -45.22
N CYS A 471 3.78 16.37 -45.23
CA CYS A 471 4.23 17.18 -44.13
C CYS A 471 4.26 18.60 -44.62
N PHE A 472 3.36 19.40 -44.10
CA PHE A 472 3.15 20.80 -44.51
C PHE A 472 3.35 21.77 -43.37
N LYS A 473 3.81 22.97 -43.72
CA LYS A 473 4.04 24.04 -42.77
C LYS A 473 3.42 25.32 -43.30
N MET A 474 2.85 26.11 -42.39
CA MET A 474 2.26 27.37 -42.80
C MET A 474 2.53 28.38 -41.78
N PHE A 475 3.07 29.50 -42.22
CA PHE A 475 3.45 30.55 -41.32
C PHE A 475 2.26 31.51 -41.22
N TYR A 476 1.61 31.53 -40.07
CA TYR A 476 0.40 32.33 -39.88
C TYR A 476 0.25 32.73 -38.42
N LYS A 477 0.56 33.98 -38.07
CA LYS A 477 0.51 34.41 -36.66
C LYS A 477 -0.92 34.51 -36.08
N GLY A 478 -1.92 34.78 -36.92
CA GLY A 478 -3.30 34.89 -36.49
C GLY A 478 -3.53 35.98 -35.46
N VAL A 479 -4.37 35.65 -34.45
CA VAL A 479 -4.75 36.55 -33.36
C VAL A 479 -4.75 35.75 -32.07
N ILE A 480 -3.97 36.22 -31.10
CA ILE A 480 -3.84 35.52 -29.84
C ILE A 480 -4.80 36.09 -28.82
N THR A 481 -5.68 35.25 -28.31
CA THR A 481 -6.59 35.63 -27.23
C THR A 481 -6.23 34.74 -26.02
N HIS A 482 -6.78 35.03 -24.83
CA HIS A 482 -6.46 34.26 -23.64
C HIS A 482 -7.68 33.91 -22.78
N ASP A 483 -7.70 32.68 -22.21
CA ASP A 483 -8.69 32.16 -21.27
C ASP A 483 -7.85 32.11 -20.01
N VAL A 484 -7.75 33.26 -19.31
CA VAL A 484 -6.91 33.47 -18.15
C VAL A 484 -5.43 33.60 -18.68
N SER A 485 -4.64 32.51 -18.69
CA SER A 485 -3.27 32.49 -19.24
C SER A 485 -3.12 31.49 -20.40
N SER A 486 -4.00 30.45 -20.45
CA SER A 486 -4.04 29.48 -21.52
C SER A 486 -4.53 30.26 -22.78
N ALA A 487 -3.79 30.14 -23.89
CA ALA A 487 -3.98 30.90 -25.12
C ALA A 487 -4.86 30.23 -26.17
N ILE A 488 -5.47 31.05 -27.01
CA ILE A 488 -6.32 30.64 -28.10
C ILE A 488 -5.92 31.42 -29.35
N ASN A 489 -5.89 30.77 -30.49
CA ASN A 489 -5.65 31.42 -31.77
C ASN A 489 -6.74 30.95 -32.73
N ARG A 490 -7.92 31.62 -32.74
CA ARG A 490 -9.04 31.28 -33.60
C ARG A 490 -8.70 31.38 -35.11
N PRO A 491 -8.01 32.44 -35.60
CA PRO A 491 -7.60 32.45 -37.02
C PRO A 491 -6.74 31.22 -37.43
N GLN A 492 -5.87 30.68 -36.54
CA GLN A 492 -5.10 29.47 -36.85
C GLN A 492 -6.01 28.25 -36.98
N ILE A 493 -7.08 28.18 -36.16
CA ILE A 493 -8.09 27.12 -36.27
C ILE A 493 -8.92 27.29 -37.59
N GLY A 494 -9.13 28.55 -38.01
CA GLY A 494 -9.83 28.88 -39.24
C GLY A 494 -9.04 28.43 -40.45
N VAL A 495 -7.71 28.62 -40.41
CA VAL A 495 -6.83 28.13 -41.48
C VAL A 495 -6.94 26.57 -41.58
N VAL A 496 -6.96 25.84 -40.42
CA VAL A 496 -7.14 24.38 -40.37
C VAL A 496 -8.46 23.98 -41.01
N ARG A 497 -9.53 24.67 -40.68
CA ARG A 497 -10.86 24.41 -41.23
C ARG A 497 -10.86 24.51 -42.76
N GLU A 498 -10.21 25.56 -43.29
CA GLU A 498 -10.09 25.76 -44.73
C GLU A 498 -9.29 24.62 -45.39
N PHE A 499 -8.22 24.21 -44.73
CA PHE A 499 -7.37 23.10 -45.14
C PHE A 499 -8.15 21.77 -45.16
N LEU A 500 -8.99 21.49 -44.13
CA LEU A 500 -9.76 20.25 -44.08
C LEU A 500 -10.78 20.13 -45.21
N THR A 501 -11.41 21.27 -45.60
CA THR A 501 -12.36 21.22 -46.71
C THR A 501 -11.62 20.83 -48.02
N ARG A 502 -10.39 21.33 -48.18
CA ARG A 502 -9.58 21.04 -49.36
C ARG A 502 -8.79 19.74 -49.29
N ASN A 503 -8.67 19.13 -48.09
CA ASN A 503 -7.92 17.88 -47.88
C ASN A 503 -8.70 16.99 -46.91
N PRO A 504 -9.92 16.56 -47.32
CA PRO A 504 -10.78 15.76 -46.43
C PRO A 504 -10.19 14.46 -45.87
N ALA A 505 -9.13 13.91 -46.48
CA ALA A 505 -8.47 12.73 -45.91
C ALA A 505 -7.94 13.03 -44.48
N TRP A 506 -7.57 14.30 -44.24
CA TRP A 506 -7.09 14.81 -42.96
C TRP A 506 -8.13 14.87 -41.87
N ARG A 507 -9.37 14.44 -42.14
CA ARG A 507 -10.40 14.39 -41.11
C ARG A 507 -10.11 13.32 -40.07
N LYS A 508 -9.24 12.35 -40.37
CA LYS A 508 -8.81 11.34 -39.41
C LYS A 508 -7.61 11.88 -38.53
N ALA A 509 -7.26 13.20 -38.64
CA ALA A 509 -6.15 13.77 -37.88
C ALA A 509 -6.50 14.11 -36.44
N VAL A 510 -5.47 14.04 -35.59
CA VAL A 510 -5.51 14.43 -34.19
C VAL A 510 -5.03 15.86 -34.16
N PHE A 511 -5.82 16.76 -33.56
CA PHE A 511 -5.46 18.17 -33.41
C PHE A 511 -4.59 18.32 -32.16
N ILE A 512 -3.40 18.91 -32.31
CA ILE A 512 -2.46 19.12 -31.23
C ILE A 512 -2.05 20.59 -31.14
N SER A 513 -1.90 21.11 -29.93
CA SER A 513 -1.44 22.47 -29.68
C SER A 513 -0.79 22.52 -28.29
N PRO A 514 0.01 23.56 -27.98
CA PRO A 514 0.60 23.66 -26.63
C PRO A 514 -0.38 24.15 -25.52
N TYR A 515 -1.64 24.47 -25.89
CA TYR A 515 -2.62 25.02 -24.94
C TYR A 515 -3.97 24.28 -24.97
N ASN A 516 -4.50 23.97 -23.77
CA ASN A 516 -5.79 23.28 -23.64
C ASN A 516 -6.98 24.14 -24.08
N SER A 517 -6.88 25.46 -23.97
CA SER A 517 -7.95 26.35 -24.40
C SER A 517 -8.03 26.43 -25.91
N GLN A 518 -6.88 26.38 -26.60
CA GLN A 518 -6.82 26.32 -28.06
C GLN A 518 -7.49 25.00 -28.52
N ASN A 519 -7.14 23.88 -27.84
CA ASN A 519 -7.68 22.53 -28.07
C ASN A 519 -9.20 22.50 -27.85
N ALA A 520 -9.72 23.22 -26.84
CA ALA A 520 -11.15 23.26 -26.54
C ALA A 520 -11.91 23.94 -27.68
N VAL A 521 -11.38 25.09 -28.15
CA VAL A 521 -11.96 25.81 -29.27
C VAL A 521 -11.92 24.94 -30.56
N ALA A 522 -10.76 24.31 -30.84
CA ALA A 522 -10.63 23.47 -32.02
C ALA A 522 -11.52 22.23 -31.96
N SER A 523 -11.80 21.71 -30.77
CA SER A 523 -12.67 20.54 -30.65
C SER A 523 -14.09 20.86 -31.12
N LYS A 524 -14.60 22.04 -30.74
CA LYS A 524 -15.93 22.47 -31.13
C LYS A 524 -16.02 22.89 -32.62
N ILE A 525 -15.03 23.66 -33.11
CA ILE A 525 -15.00 24.13 -34.51
C ILE A 525 -14.61 23.05 -35.55
N LEU A 526 -13.60 22.22 -35.25
CA LEU A 526 -13.14 21.21 -36.20
C LEU A 526 -13.74 19.83 -35.98
N GLY A 527 -14.08 19.50 -34.75
CA GLY A 527 -14.60 18.18 -34.42
C GLY A 527 -13.53 17.11 -34.40
N LEU A 528 -12.25 17.48 -34.58
CA LEU A 528 -11.14 16.53 -34.53
C LEU A 528 -10.87 16.19 -33.08
N PRO A 529 -10.39 14.95 -32.79
CA PRO A 529 -9.95 14.66 -31.41
C PRO A 529 -8.74 15.55 -31.09
N THR A 530 -8.61 15.88 -29.83
CA THR A 530 -7.67 16.88 -29.36
C THR A 530 -6.63 16.34 -28.34
N GLN A 531 -5.43 16.93 -28.33
CA GLN A 531 -4.40 16.53 -27.40
C GLN A 531 -3.36 17.63 -27.22
N THR A 532 -2.95 17.94 -25.99
CA THR A 532 -1.90 18.94 -25.78
C THR A 532 -0.59 18.26 -26.16
N VAL A 533 0.47 19.02 -26.44
CA VAL A 533 1.78 18.42 -26.74
C VAL A 533 2.23 17.49 -25.59
N ASP A 534 2.05 17.97 -24.35
CA ASP A 534 2.43 17.28 -23.12
C ASP A 534 1.63 15.97 -22.93
N SER A 535 0.33 15.92 -23.23
CA SER A 535 -0.42 14.66 -23.11
C SER A 535 -0.25 13.72 -24.34
N SER A 536 0.28 14.24 -25.45
CA SER A 536 0.50 13.44 -26.65
C SER A 536 1.77 12.58 -26.56
N GLN A 537 2.74 12.96 -25.68
CA GLN A 537 4.00 12.22 -25.48
C GLN A 537 3.75 10.75 -25.21
N GLY A 538 4.45 9.90 -25.96
CA GLY A 538 4.31 8.46 -25.91
C GLY A 538 3.31 7.89 -26.92
N SER A 539 2.40 8.74 -27.46
CA SER A 539 1.39 8.30 -28.43
C SER A 539 1.79 8.58 -29.88
N GLU A 540 1.18 7.86 -30.84
CA GLU A 540 1.42 8.09 -32.26
C GLU A 540 0.12 8.03 -33.01
N TYR A 541 0.01 8.84 -34.05
CA TYR A 541 -1.20 8.98 -34.85
C TYR A 541 -0.81 9.09 -36.33
N ASP A 542 -1.66 8.62 -37.26
CA ASP A 542 -1.36 8.73 -38.69
C ASP A 542 -1.17 10.19 -39.11
N TYR A 543 -2.13 11.05 -38.74
CA TYR A 543 -2.08 12.45 -39.10
C TYR A 543 -2.22 13.34 -37.89
N VAL A 544 -1.43 14.40 -37.89
CA VAL A 544 -1.39 15.36 -36.82
C VAL A 544 -1.57 16.76 -37.41
N ILE A 545 -2.40 17.58 -36.76
CA ILE A 545 -2.53 18.97 -37.14
C ILE A 545 -2.14 19.73 -35.92
N PHE A 546 -1.04 20.47 -36.02
CA PHE A 546 -0.50 21.24 -34.96
C PHE A 546 -0.63 22.73 -35.20
N THR A 547 -1.23 23.48 -34.26
CA THR A 547 -1.22 24.96 -34.34
C THR A 547 -0.31 25.45 -33.18
N GLN A 548 0.77 26.19 -33.48
CA GLN A 548 1.67 26.70 -32.44
C GLN A 548 0.96 27.65 -31.46
N THR A 549 -0.16 28.29 -31.88
CA THR A 549 -1.02 29.20 -31.08
C THR A 549 -0.33 30.57 -30.76
N THR A 550 0.82 30.56 -30.05
CA THR A 550 1.57 31.76 -29.66
C THR A 550 3.08 31.55 -29.97
N GLU A 551 3.92 32.58 -29.71
CA GLU A 551 5.36 32.42 -29.82
C GLU A 551 6.00 32.76 -28.48
N THR A 552 5.54 32.07 -27.45
CA THR A 552 6.07 32.18 -26.10
C THR A 552 7.26 31.21 -25.90
N ALA A 553 7.94 31.26 -24.76
CA ALA A 553 8.98 30.29 -24.45
C ALA A 553 8.36 28.85 -24.31
N HIS A 554 7.06 28.76 -23.94
CA HIS A 554 6.33 27.51 -23.81
C HIS A 554 6.07 26.87 -25.20
N SER A 555 5.45 27.63 -26.12
CA SER A 555 5.15 27.11 -27.43
C SER A 555 6.40 26.97 -28.30
N CYS A 556 7.52 27.66 -27.96
CA CYS A 556 8.77 27.55 -28.71
C CYS A 556 9.76 26.59 -28.11
N ASN A 557 9.44 25.94 -26.99
CA ASN A 557 10.36 25.03 -26.36
C ASN A 557 10.74 23.90 -27.32
N VAL A 558 12.06 23.72 -27.61
CA VAL A 558 12.46 22.72 -28.59
C VAL A 558 12.06 21.30 -28.20
N ASN A 559 12.03 20.96 -26.91
CA ASN A 559 11.63 19.61 -26.47
C ASN A 559 10.16 19.39 -26.76
N ARG A 560 9.33 20.39 -26.49
CA ARG A 560 7.90 20.34 -26.76
C ARG A 560 7.67 20.29 -28.28
N PHE A 561 8.44 21.08 -29.06
CA PHE A 561 8.31 21.08 -30.51
C PHE A 561 8.65 19.72 -31.12
N ASN A 562 9.71 19.11 -30.60
CA ASN A 562 10.21 17.77 -30.95
C ASN A 562 9.07 16.75 -30.71
N VAL A 563 8.46 16.75 -29.52
CA VAL A 563 7.37 15.82 -29.20
C VAL A 563 6.17 16.05 -30.12
N ALA A 564 5.80 17.31 -30.34
CA ALA A 564 4.66 17.64 -31.16
C ALA A 564 4.73 17.04 -32.57
N ILE A 565 5.84 17.23 -33.30
CA ILE A 565 5.91 16.81 -34.69
C ILE A 565 6.28 15.33 -34.85
N THR A 566 6.87 14.69 -33.82
CA THR A 566 7.17 13.27 -33.88
C THR A 566 5.98 12.37 -33.48
N ARG A 567 4.77 12.92 -33.35
CA ARG A 567 3.59 12.09 -33.07
C ARG A 567 3.05 11.43 -34.37
N ALA A 568 3.34 12.02 -35.54
CA ALA A 568 2.86 11.60 -36.85
C ALA A 568 3.60 10.41 -37.51
N LYS A 569 2.80 9.45 -38.01
CA LYS A 569 3.30 8.30 -38.77
C LYS A 569 3.27 8.62 -40.26
N VAL A 570 2.24 9.36 -40.70
CA VAL A 570 2.07 9.64 -42.12
C VAL A 570 2.17 11.13 -42.51
N GLY A 571 1.28 11.97 -41.97
CA GLY A 571 1.31 13.38 -42.32
C GLY A 571 1.20 14.30 -41.13
N ILE A 572 1.70 15.53 -41.30
CA ILE A 572 1.58 16.59 -40.31
C ILE A 572 1.34 17.95 -41.00
N LEU A 573 0.51 18.77 -40.40
CA LEU A 573 0.27 20.12 -40.86
C LEU A 573 0.65 20.97 -39.64
N CYS A 574 1.64 21.88 -39.77
CA CYS A 574 2.03 22.78 -38.71
C CYS A 574 1.67 24.19 -39.07
N ILE A 575 0.82 24.85 -38.29
CA ILE A 575 0.48 26.25 -38.49
C ILE A 575 1.34 26.90 -37.42
N MET A 576 2.40 27.58 -37.86
CA MET A 576 3.44 28.14 -37.04
C MET A 576 3.29 29.60 -36.74
N SER A 577 3.84 30.01 -35.59
CA SER A 577 3.85 31.39 -35.12
C SER A 577 5.29 31.96 -35.10
N ASP A 578 6.27 31.10 -34.78
CA ASP A 578 7.67 31.43 -34.68
C ASP A 578 8.37 31.21 -36.02
N ARG A 579 9.05 32.26 -36.52
CA ARG A 579 9.79 32.22 -37.79
C ARG A 579 10.93 31.19 -37.76
N ASP A 580 11.64 31.14 -36.65
CA ASP A 580 12.77 30.25 -36.41
C ASP A 580 12.38 28.76 -36.61
N LEU A 581 11.43 28.27 -35.81
CA LEU A 581 10.97 26.89 -35.91
C LEU A 581 10.30 26.63 -37.25
N TYR A 582 9.61 27.64 -37.84
CA TYR A 582 9.00 27.48 -39.15
C TYR A 582 10.09 27.20 -40.21
N ASP A 583 11.18 28.00 -40.21
CA ASP A 583 12.27 27.83 -41.17
C ASP A 583 13.04 26.52 -40.98
N LYS A 584 13.07 25.99 -39.77
CA LYS A 584 13.72 24.72 -39.50
C LYS A 584 12.87 23.53 -39.95
N LEU A 585 11.53 23.67 -40.02
CA LEU A 585 10.68 22.58 -40.48
C LEU A 585 11.02 22.22 -41.95
N GLN A 586 11.46 20.96 -42.19
CA GLN A 586 11.80 20.53 -43.55
C GLN A 586 10.58 19.94 -44.20
N PHE A 587 9.52 20.77 -44.29
CA PHE A 587 8.20 20.45 -44.82
C PHE A 587 7.91 21.30 -46.03
N THR A 588 6.89 20.92 -46.79
CA THR A 588 6.37 21.65 -47.92
C THR A 588 5.57 22.86 -47.39
N SER A 589 5.97 24.06 -47.76
CA SER A 589 5.28 25.25 -47.30
C SER A 589 3.95 25.43 -48.08
N LEU A 590 2.89 25.85 -47.37
CA LEU A 590 1.57 26.11 -47.97
C LEU A 590 1.28 27.62 -47.95
N GLU A 591 0.44 28.08 -48.90
CA GLU A 591 0.07 29.50 -49.02
C GLU A 591 -1.35 29.77 -48.50
N ILE A 592 -1.60 31.07 -48.13
CA ILE A 592 -2.82 31.76 -47.63
C ILE A 592 -2.45 32.56 -46.37
N VAL B 2 13.74 -20.57 -8.94
CA VAL B 2 14.88 -21.12 -8.19
C VAL B 2 14.90 -20.56 -6.76
N GLY B 3 15.04 -21.45 -5.78
CA GLY B 3 14.99 -21.12 -4.36
C GLY B 3 15.32 -22.27 -3.40
N ALA B 4 14.81 -22.21 -2.18
CA ALA B 4 15.10 -23.16 -1.12
C ALA B 4 13.90 -24.05 -0.71
N CYS B 5 14.17 -25.34 -0.49
CA CYS B 5 13.18 -26.36 -0.12
C CYS B 5 12.48 -26.02 1.18
N VAL B 6 11.15 -26.11 1.21
CA VAL B 6 10.40 -25.84 2.43
C VAL B 6 10.47 -26.98 3.48
N LEU B 7 11.21 -28.08 3.20
CA LEU B 7 11.32 -29.17 4.16
C LEU B 7 12.76 -29.48 4.59
N CYS B 8 13.70 -29.24 3.67
CA CYS B 8 15.13 -29.51 3.82
C CYS B 8 15.95 -28.25 3.91
N ASN B 9 15.56 -27.27 3.12
CA ASN B 9 16.24 -26.03 2.79
C ASN B 9 17.24 -26.20 1.64
N SER B 10 17.43 -27.44 1.11
CA SER B 10 18.32 -27.73 0.00
C SER B 10 17.91 -26.89 -1.22
N GLN B 11 18.85 -26.18 -1.85
CA GLN B 11 18.57 -25.34 -3.02
C GLN B 11 17.93 -26.16 -4.15
N THR B 12 17.00 -25.57 -4.91
CA THR B 12 16.37 -26.28 -6.03
C THR B 12 15.70 -25.38 -7.03
N SER B 13 15.60 -25.87 -8.29
CA SER B 13 14.84 -25.22 -9.35
C SER B 13 13.41 -25.80 -9.41
N LEU B 14 12.99 -26.64 -8.44
CA LEU B 14 11.66 -27.25 -8.42
C LEU B 14 10.68 -26.60 -7.43
N ARG B 15 9.43 -26.46 -7.87
CA ARG B 15 8.30 -26.00 -7.09
C ARG B 15 7.16 -26.96 -7.38
N CYS B 16 6.32 -27.27 -6.37
CA CYS B 16 5.15 -28.09 -6.65
C CYS B 16 4.10 -27.23 -7.31
N GLY B 17 3.66 -27.60 -8.49
CA GLY B 17 2.66 -26.85 -9.24
C GLY B 17 1.23 -27.15 -8.83
N ALA B 18 1.01 -28.27 -8.11
CA ALA B 18 -0.32 -28.64 -7.64
C ALA B 18 -0.63 -28.00 -6.27
N CYS B 19 0.41 -27.59 -5.52
CA CYS B 19 0.27 -26.87 -4.26
C CYS B 19 -0.17 -25.47 -4.62
N ILE B 20 -1.19 -24.96 -3.91
CA ILE B 20 -1.67 -23.60 -4.15
C ILE B 20 -0.58 -22.55 -3.93
N ARG B 21 0.39 -22.86 -3.05
CA ARG B 21 1.48 -21.94 -2.78
C ARG B 21 2.71 -22.12 -3.69
N ARG B 22 2.80 -23.26 -4.40
CA ARG B 22 3.92 -23.59 -5.25
C ARG B 22 5.25 -23.59 -4.50
N PRO B 23 5.36 -24.31 -3.35
CA PRO B 23 6.60 -24.28 -2.58
C PRO B 23 7.77 -24.90 -3.28
N PHE B 24 8.96 -24.37 -3.03
CA PHE B 24 10.18 -24.97 -3.54
C PHE B 24 10.39 -26.30 -2.82
N LEU B 25 10.64 -27.34 -3.62
CA LEU B 25 10.91 -28.69 -3.14
C LEU B 25 12.18 -29.19 -3.82
N CYS B 26 13.10 -29.73 -3.05
CA CYS B 26 14.35 -30.24 -3.61
C CYS B 26 14.07 -31.55 -4.35
N CYS B 27 15.06 -32.09 -5.07
CA CYS B 27 14.91 -33.35 -5.78
C CYS B 27 14.40 -34.49 -4.90
N LYS B 28 15.01 -34.68 -3.72
CA LYS B 28 14.62 -35.78 -2.84
C LYS B 28 13.18 -35.61 -2.27
N CYS B 29 12.82 -34.38 -1.84
CA CYS B 29 11.51 -34.09 -1.23
C CYS B 29 10.36 -33.97 -2.27
N CYS B 30 10.66 -33.44 -3.45
CA CYS B 30 9.70 -33.28 -4.52
C CYS B 30 9.17 -34.64 -4.95
N TYR B 31 10.10 -35.61 -5.10
CA TYR B 31 9.78 -36.98 -5.45
C TYR B 31 8.86 -37.60 -4.40
N ASP B 32 9.27 -37.59 -3.10
CA ASP B 32 8.46 -38.15 -2.01
C ASP B 32 7.07 -37.51 -1.96
N HIS B 33 6.98 -36.20 -2.33
CA HIS B 33 5.69 -35.51 -2.37
C HIS B 33 4.80 -36.01 -3.53
N VAL B 34 5.32 -36.01 -4.79
CA VAL B 34 4.56 -36.41 -5.97
C VAL B 34 4.16 -37.87 -5.97
N ILE B 35 4.99 -38.76 -5.43
CA ILE B 35 4.68 -40.20 -5.37
C ILE B 35 3.64 -40.57 -4.28
N SER B 36 3.38 -39.66 -3.34
CA SER B 36 2.48 -39.94 -2.22
C SER B 36 1.14 -39.23 -2.34
N THR B 37 1.04 -38.19 -3.17
CA THR B 37 -0.20 -37.41 -3.28
C THR B 37 -0.71 -37.37 -4.76
N SER B 38 -1.90 -36.78 -4.98
CA SER B 38 -2.39 -36.55 -6.34
C SER B 38 -1.59 -35.40 -7.02
N HIS B 39 -0.64 -34.76 -6.31
CA HIS B 39 0.14 -33.67 -6.83
C HIS B 39 1.21 -34.18 -7.76
N LYS B 40 1.06 -33.95 -9.07
CA LYS B 40 2.07 -34.41 -10.04
C LYS B 40 2.61 -33.30 -10.93
N LEU B 41 2.08 -32.06 -10.87
CA LEU B 41 2.66 -31.00 -11.71
C LEU B 41 3.90 -30.45 -11.02
N VAL B 42 5.07 -30.48 -11.68
CA VAL B 42 6.33 -29.93 -11.16
C VAL B 42 6.71 -28.69 -11.98
N LEU B 43 7.16 -27.62 -11.32
CA LEU B 43 7.55 -26.40 -12.00
C LEU B 43 9.03 -26.17 -11.83
N SER B 44 9.71 -25.78 -12.90
CA SER B 44 11.14 -25.48 -12.85
C SER B 44 11.30 -24.07 -13.46
N VAL B 45 12.28 -23.87 -14.37
CA VAL B 45 12.41 -22.66 -15.20
C VAL B 45 11.19 -22.73 -16.17
N ASN B 46 10.92 -23.94 -16.70
CA ASN B 46 9.77 -24.29 -17.50
C ASN B 46 8.91 -25.32 -16.71
N PRO B 47 7.59 -25.40 -16.98
CA PRO B 47 6.78 -26.42 -16.31
C PRO B 47 7.12 -27.79 -16.90
N TYR B 48 7.08 -28.80 -16.05
CA TYR B 48 7.35 -30.15 -16.49
C TYR B 48 6.06 -30.63 -17.09
N VAL B 49 5.94 -30.39 -18.39
CA VAL B 49 4.78 -30.73 -19.22
C VAL B 49 5.30 -31.21 -20.60
N CYS B 50 4.53 -32.04 -21.31
CA CYS B 50 4.95 -32.52 -22.63
C CYS B 50 4.91 -31.41 -23.68
N ASN B 51 6.09 -31.10 -24.25
CA ASN B 51 6.29 -30.06 -25.27
C ASN B 51 5.84 -30.50 -26.69
N ALA B 52 5.42 -31.76 -26.86
CA ALA B 52 4.86 -32.20 -28.13
C ALA B 52 3.49 -31.55 -28.27
N PRO B 53 3.20 -30.97 -29.46
CA PRO B 53 1.92 -30.25 -29.62
C PRO B 53 0.63 -31.02 -29.34
N GLY B 54 -0.31 -30.36 -28.66
CA GLY B 54 -1.61 -30.92 -28.32
C GLY B 54 -1.61 -31.97 -27.23
N CYS B 55 -0.43 -32.34 -26.73
CA CYS B 55 -0.33 -33.34 -25.69
C CYS B 55 -0.60 -32.75 -24.32
N ASP B 56 -1.52 -33.37 -23.57
CA ASP B 56 -1.91 -32.91 -22.24
C ASP B 56 -1.23 -33.64 -21.08
N VAL B 57 -0.04 -34.26 -21.31
CA VAL B 57 0.67 -34.95 -20.23
C VAL B 57 1.43 -33.94 -19.37
N THR B 58 0.97 -33.77 -18.11
CA THR B 58 1.55 -32.89 -17.10
C THR B 58 2.10 -33.66 -15.88
N ASP B 59 1.81 -34.97 -15.78
CA ASP B 59 2.26 -35.84 -14.69
C ASP B 59 3.76 -36.03 -14.81
N VAL B 60 4.52 -35.60 -13.81
CA VAL B 60 5.97 -35.68 -13.76
C VAL B 60 6.49 -37.13 -13.82
N THR B 61 5.70 -38.09 -13.32
CA THR B 61 6.05 -39.52 -13.33
C THR B 61 5.93 -40.15 -14.75
N GLN B 62 5.18 -39.47 -15.66
CA GLN B 62 4.98 -39.87 -17.04
C GLN B 62 5.84 -39.00 -17.99
N LEU B 63 6.82 -38.22 -17.50
CA LEU B 63 7.62 -37.33 -18.36
C LEU B 63 9.11 -37.61 -18.33
N TYR B 64 9.82 -37.18 -19.40
CA TYR B 64 11.25 -37.40 -19.68
C TYR B 64 11.92 -36.14 -20.23
N LEU B 65 13.23 -35.97 -20.02
CA LEU B 65 13.98 -34.90 -20.68
C LEU B 65 14.55 -35.43 -22.01
N GLY B 66 13.88 -35.09 -23.09
CA GLY B 66 14.29 -35.48 -24.43
C GLY B 66 15.10 -34.37 -25.08
N GLY B 67 16.41 -34.40 -24.81
CA GLY B 67 17.34 -33.37 -25.28
C GLY B 67 17.29 -32.20 -24.33
N MET B 68 16.71 -31.08 -24.78
CA MET B 68 16.54 -29.89 -23.96
C MET B 68 15.05 -29.53 -23.69
N SER B 69 14.13 -30.32 -24.24
CA SER B 69 12.68 -30.17 -24.09
C SER B 69 12.08 -31.44 -23.42
N TYR B 70 10.94 -31.30 -22.73
CA TYR B 70 10.32 -32.41 -22.01
C TYR B 70 9.23 -33.08 -22.82
N TYR B 71 9.10 -34.41 -22.72
CA TYR B 71 8.09 -35.16 -23.46
C TYR B 71 7.57 -36.33 -22.63
N CYS B 72 6.39 -36.85 -22.96
CA CYS B 72 5.84 -38.03 -22.29
C CYS B 72 6.43 -39.35 -22.91
N LYS B 73 5.97 -40.53 -22.46
CA LYS B 73 6.41 -41.83 -22.97
C LYS B 73 6.02 -42.01 -24.46
N SER B 74 4.91 -41.37 -24.90
CA SER B 74 4.40 -41.40 -26.29
C SER B 74 5.12 -40.43 -27.24
N HIS B 75 5.87 -39.45 -26.71
CA HIS B 75 6.51 -38.45 -27.54
C HIS B 75 7.99 -38.28 -27.34
N LYS B 76 8.59 -38.93 -26.34
CA LYS B 76 10.01 -38.79 -26.06
C LYS B 76 10.87 -39.22 -27.24
N PRO B 77 11.95 -38.48 -27.54
CA PRO B 77 12.88 -38.92 -28.60
C PRO B 77 13.70 -40.17 -28.17
N PRO B 78 14.58 -40.72 -29.04
CA PRO B 78 15.35 -41.92 -28.64
C PRO B 78 16.20 -41.69 -27.38
N ILE B 79 16.91 -40.54 -27.31
CA ILE B 79 17.77 -40.22 -26.18
C ILE B 79 17.04 -39.31 -25.19
N SER B 80 16.56 -39.91 -24.08
CA SER B 80 15.83 -39.23 -23.02
C SER B 80 15.97 -39.96 -21.69
N PHE B 81 15.93 -39.21 -20.58
CA PHE B 81 16.00 -39.79 -19.25
C PHE B 81 14.78 -39.33 -18.41
N PRO B 82 14.21 -40.24 -17.60
CA PRO B 82 12.99 -39.88 -16.85
C PRO B 82 13.21 -38.72 -15.88
N LEU B 83 12.31 -37.70 -15.89
CA LEU B 83 12.46 -36.57 -14.94
C LEU B 83 12.35 -37.08 -13.50
N CYS B 84 11.42 -37.99 -13.27
CA CYS B 84 11.13 -38.51 -11.97
C CYS B 84 11.46 -40.03 -11.86
N ALA B 85 12.61 -40.37 -11.25
CA ALA B 85 13.11 -41.74 -11.08
C ALA B 85 14.28 -41.76 -10.08
N ASN B 86 14.58 -42.90 -9.43
CA ASN B 86 15.70 -43.03 -8.48
C ASN B 86 15.51 -42.21 -7.17
N GLY B 87 14.27 -42.05 -6.72
CA GLY B 87 13.98 -41.29 -5.49
C GLY B 87 14.11 -39.77 -5.59
N GLN B 88 14.28 -39.28 -6.80
CA GLN B 88 14.46 -37.88 -7.05
C GLN B 88 13.74 -37.40 -8.31
N VAL B 89 13.48 -36.09 -8.37
CA VAL B 89 12.93 -35.43 -9.54
C VAL B 89 14.07 -34.56 -10.10
N PHE B 90 14.30 -34.64 -11.40
CA PHE B 90 15.34 -33.92 -12.10
C PHE B 90 15.14 -32.39 -12.04
N GLY B 91 16.20 -31.64 -11.82
CA GLY B 91 16.14 -30.18 -11.79
C GLY B 91 17.51 -29.55 -11.67
N LEU B 92 17.75 -28.79 -10.58
CA LEU B 92 19.04 -28.17 -10.27
C LEU B 92 19.45 -28.54 -8.83
N TYR B 93 20.75 -28.54 -8.54
CA TYR B 93 21.31 -28.86 -7.22
C TYR B 93 20.95 -30.28 -6.78
N LYS B 94 21.02 -31.28 -7.70
CA LYS B 94 20.73 -32.70 -7.44
C LYS B 94 21.75 -33.34 -6.48
N ASN B 95 22.97 -32.78 -6.43
CA ASN B 95 24.07 -33.20 -5.55
C ASN B 95 23.78 -32.80 -4.09
N THR B 96 23.27 -31.56 -3.92
CA THR B 96 22.92 -30.98 -2.62
C THR B 96 21.42 -31.26 -2.26
N CYS B 97 21.14 -32.45 -1.68
CA CYS B 97 19.82 -32.92 -1.23
C CYS B 97 19.97 -33.69 0.08
N VAL B 98 19.00 -33.56 1.01
CA VAL B 98 19.09 -34.29 2.28
C VAL B 98 17.87 -35.19 2.54
N GLY B 99 16.67 -34.69 2.21
CA GLY B 99 15.43 -35.43 2.37
C GLY B 99 14.78 -35.31 3.74
N SER B 100 13.63 -35.95 3.91
CA SER B 100 12.92 -35.96 5.18
C SER B 100 12.46 -37.37 5.45
N ASP B 101 12.76 -37.91 6.66
CA ASP B 101 12.44 -39.29 7.10
C ASP B 101 10.94 -39.66 6.98
N ASN B 102 10.06 -38.64 7.07
CA ASN B 102 8.61 -38.75 6.92
C ASN B 102 8.04 -37.41 6.46
N VAL B 103 7.83 -37.27 5.15
CA VAL B 103 7.24 -36.11 4.46
C VAL B 103 5.67 -36.04 4.67
N THR B 104 5.15 -36.89 5.60
CA THR B 104 3.77 -37.22 5.93
C THR B 104 2.96 -36.01 6.33
N ASP B 105 3.52 -35.13 7.18
CA ASP B 105 2.84 -33.92 7.64
C ASP B 105 2.78 -32.83 6.55
N PHE B 106 3.84 -32.71 5.71
CA PHE B 106 3.82 -31.75 4.60
C PHE B 106 2.72 -32.15 3.59
N ASN B 107 2.58 -33.45 3.34
CA ASN B 107 1.56 -33.95 2.42
C ASN B 107 0.16 -33.60 2.91
N ALA B 108 -0.12 -33.80 4.21
CA ALA B 108 -1.41 -33.48 4.80
C ALA B 108 -1.75 -31.98 4.77
N ILE B 109 -0.75 -31.09 4.99
CA ILE B 109 -0.98 -29.64 4.92
C ILE B 109 -1.24 -29.20 3.49
N ALA B 110 -0.51 -29.77 2.53
CA ALA B 110 -0.61 -29.46 1.09
C ALA B 110 -1.93 -29.87 0.45
N THR B 111 -2.58 -30.95 0.94
CA THR B 111 -3.79 -31.51 0.33
C THR B 111 -5.11 -31.31 1.14
N CYS B 112 -5.01 -31.01 2.44
CA CYS B 112 -6.22 -30.80 3.27
C CYS B 112 -7.08 -29.62 2.77
N ASP B 113 -8.39 -29.68 3.00
CA ASP B 113 -9.27 -28.58 2.57
C ASP B 113 -9.52 -27.51 3.66
N TRP B 114 -8.91 -27.68 4.87
CA TRP B 114 -9.01 -26.75 6.00
C TRP B 114 -10.44 -26.64 6.60
N THR B 115 -11.29 -27.66 6.39
CA THR B 115 -12.64 -27.65 6.96
C THR B 115 -12.72 -28.41 8.30
N ASN B 116 -11.69 -29.19 8.65
CA ASN B 116 -11.63 -29.98 9.89
C ASN B 116 -10.71 -29.30 10.91
N ALA B 117 -10.95 -29.54 12.22
CA ALA B 117 -10.12 -28.99 13.27
C ALA B 117 -8.72 -29.63 13.29
N GLY B 118 -8.65 -30.92 12.93
CA GLY B 118 -7.40 -31.67 12.87
C GLY B 118 -6.35 -31.05 11.98
N ASP B 119 -6.82 -30.27 10.96
CA ASP B 119 -5.98 -29.53 10.00
C ASP B 119 -5.26 -28.38 10.73
N TYR B 120 -5.98 -27.68 11.61
CA TYR B 120 -5.46 -26.56 12.38
C TYR B 120 -4.56 -27.01 13.52
N ILE B 121 -4.83 -28.22 14.07
CA ILE B 121 -4.04 -28.82 15.12
C ILE B 121 -2.67 -29.15 14.53
N LEU B 122 -2.65 -29.81 13.36
CA LEU B 122 -1.41 -30.15 12.66
C LEU B 122 -0.63 -28.89 12.32
N ALA B 123 -1.29 -27.84 11.79
CA ALA B 123 -0.67 -26.55 11.45
C ALA B 123 0.04 -25.87 12.64
N ASN B 124 -0.21 -26.33 13.87
CA ASN B 124 0.45 -25.75 15.04
C ASN B 124 1.38 -26.73 15.77
N THR B 125 1.21 -28.04 15.55
CA THR B 125 2.04 -29.04 16.17
C THR B 125 3.25 -29.44 15.27
N CYS B 126 3.24 -29.04 13.99
CA CYS B 126 4.31 -29.36 13.03
C CYS B 126 5.60 -28.55 13.28
N THR B 127 6.61 -28.72 12.42
CA THR B 127 7.84 -27.96 12.57
C THR B 127 7.58 -26.49 12.26
N GLU B 128 8.49 -25.61 12.65
CA GLU B 128 8.33 -24.18 12.45
C GLU B 128 8.18 -23.84 10.99
N ARG B 129 8.95 -24.48 10.12
CA ARG B 129 8.85 -24.21 8.67
C ARG B 129 7.49 -24.66 8.07
N LEU B 130 6.96 -25.72 8.62
CA LEU B 130 5.66 -26.24 8.22
C LEU B 130 4.50 -25.42 8.80
N LYS B 131 4.73 -24.71 9.92
CA LYS B 131 3.75 -23.78 10.48
C LYS B 131 3.60 -22.61 9.48
N LEU B 132 4.71 -22.14 8.85
CA LEU B 132 4.66 -21.07 7.86
C LEU B 132 4.00 -21.53 6.58
N PHE B 133 4.38 -22.72 6.07
CA PHE B 133 3.75 -23.32 4.89
C PHE B 133 2.23 -23.46 5.11
N ALA B 134 1.80 -24.05 6.27
CA ALA B 134 0.37 -24.22 6.60
C ALA B 134 -0.35 -22.88 6.67
N ALA B 135 0.30 -21.85 7.29
CA ALA B 135 -0.29 -20.54 7.43
C ALA B 135 -0.49 -19.81 6.11
N GLU B 136 0.48 -19.86 5.17
CA GLU B 136 0.22 -19.19 3.89
C GLU B 136 -0.75 -20.03 3.02
N THR B 137 -0.73 -21.38 3.16
CA THR B 137 -1.64 -22.32 2.45
C THR B 137 -3.08 -22.11 2.88
N LEU B 138 -3.31 -22.04 4.21
CA LEU B 138 -4.63 -21.81 4.78
C LEU B 138 -5.10 -20.42 4.37
N LYS B 139 -4.25 -19.38 4.48
CA LYS B 139 -4.67 -18.03 4.11
C LYS B 139 -4.99 -17.91 2.64
N ALA B 140 -4.22 -18.56 1.81
CA ALA B 140 -4.45 -18.54 0.38
C ALA B 140 -5.73 -19.34 0.06
N THR B 141 -6.01 -20.43 0.79
CA THR B 141 -7.25 -21.21 0.60
C THR B 141 -8.45 -20.36 1.04
N GLU B 142 -8.33 -19.62 2.15
CA GLU B 142 -9.38 -18.74 2.65
C GLU B 142 -9.71 -17.63 1.68
N GLU B 143 -8.70 -16.94 1.09
CA GLU B 143 -8.92 -15.81 0.15
C GLU B 143 -9.53 -16.30 -1.14
N THR B 144 -9.06 -17.45 -1.62
CA THR B 144 -9.56 -18.06 -2.85
C THR B 144 -11.04 -18.47 -2.68
N PHE B 145 -11.37 -19.00 -1.50
CA PHE B 145 -12.72 -19.40 -1.18
C PHE B 145 -13.70 -18.22 -1.23
N LYS B 146 -13.25 -16.98 -0.95
CA LYS B 146 -14.11 -15.81 -1.03
C LYS B 146 -14.63 -15.60 -2.46
N LEU B 147 -13.83 -15.96 -3.48
CA LEU B 147 -14.18 -15.85 -4.90
C LEU B 147 -15.27 -16.82 -5.32
N SER B 148 -15.46 -17.93 -4.57
CA SER B 148 -16.49 -18.95 -4.86
C SER B 148 -17.92 -18.43 -4.70
N TYR B 149 -18.09 -17.35 -3.93
CA TYR B 149 -19.37 -16.75 -3.69
C TYR B 149 -19.81 -15.90 -4.88
N GLY B 150 -21.12 -15.85 -5.09
CA GLY B 150 -21.70 -15.09 -6.18
C GLY B 150 -21.81 -13.60 -5.90
N ILE B 151 -21.75 -12.79 -6.96
CA ILE B 151 -21.86 -11.32 -6.89
C ILE B 151 -23.27 -10.89 -6.49
N ALA B 152 -23.38 -9.95 -5.52
CA ALA B 152 -24.68 -9.43 -5.08
C ALA B 152 -24.94 -8.07 -5.81
N THR B 153 -26.09 -7.90 -6.47
CA THR B 153 -26.39 -6.67 -7.20
C THR B 153 -27.65 -5.98 -6.68
N VAL B 154 -27.62 -4.64 -6.56
CA VAL B 154 -28.78 -3.82 -6.17
C VAL B 154 -29.86 -3.92 -7.27
N ARG B 155 -31.03 -4.45 -6.90
CA ARG B 155 -32.15 -4.64 -7.82
C ARG B 155 -33.18 -3.49 -7.64
N GLU B 156 -33.43 -3.12 -6.38
CA GLU B 156 -34.37 -2.09 -6.02
C GLU B 156 -33.79 -1.38 -4.82
N VAL B 157 -33.64 -0.07 -4.88
CA VAL B 157 -33.14 0.67 -3.70
C VAL B 157 -34.36 0.96 -2.79
N LEU B 158 -34.98 -0.11 -2.23
CA LEU B 158 -36.18 -0.15 -1.38
C LEU B 158 -36.41 1.11 -0.52
N SER B 159 -35.41 1.46 0.30
CA SER B 159 -35.39 2.63 1.16
C SER B 159 -33.92 2.86 1.59
N ASP B 160 -33.67 3.80 2.50
CA ASP B 160 -32.33 3.99 3.03
C ASP B 160 -32.08 2.89 4.06
N ARG B 161 -30.82 2.49 4.22
CA ARG B 161 -30.43 1.40 5.12
C ARG B 161 -30.96 0.01 4.68
N GLU B 162 -31.87 -0.05 3.68
CA GLU B 162 -32.44 -1.31 3.18
C GLU B 162 -32.48 -1.46 1.63
N LEU B 163 -32.09 -2.65 1.12
CA LEU B 163 -32.01 -2.98 -0.32
C LEU B 163 -32.71 -4.29 -0.72
N HIS B 164 -32.95 -4.46 -2.04
CA HIS B 164 -33.46 -5.70 -2.60
C HIS B 164 -32.33 -6.22 -3.46
N LEU B 165 -31.63 -7.27 -3.00
CA LEU B 165 -30.50 -7.80 -3.75
C LEU B 165 -30.86 -8.91 -4.78
N SER B 166 -30.04 -9.01 -5.83
CA SER B 166 -30.11 -10.00 -6.90
C SER B 166 -28.80 -10.82 -6.84
N TRP B 167 -28.88 -12.15 -6.80
CA TRP B 167 -27.68 -12.98 -6.64
C TRP B 167 -27.26 -13.70 -7.89
N GLU B 168 -25.95 -13.93 -8.03
CA GLU B 168 -25.38 -14.63 -9.18
C GLU B 168 -25.81 -16.09 -9.15
N VAL B 169 -26.34 -16.58 -10.27
CA VAL B 169 -26.81 -17.95 -10.42
C VAL B 169 -25.62 -18.92 -10.60
N GLY B 170 -25.69 -20.08 -9.97
CA GLY B 170 -24.63 -21.06 -10.08
C GLY B 170 -23.53 -20.93 -9.03
N LYS B 171 -23.57 -19.86 -8.22
CA LYS B 171 -22.57 -19.62 -7.18
C LYS B 171 -23.27 -19.42 -5.83
N PRO B 172 -22.78 -20.07 -4.77
CA PRO B 172 -23.42 -19.93 -3.45
C PRO B 172 -23.41 -18.51 -2.90
N ARG B 173 -24.38 -18.22 -2.01
CA ARG B 173 -24.48 -16.91 -1.38
C ARG B 173 -23.80 -16.97 -0.01
N PRO B 174 -22.96 -15.95 0.30
CA PRO B 174 -22.25 -15.94 1.58
C PRO B 174 -23.15 -15.63 2.76
N PRO B 175 -22.78 -16.15 3.95
CA PRO B 175 -23.53 -15.82 5.18
C PRO B 175 -23.59 -14.29 5.36
N LEU B 176 -24.75 -13.79 5.78
CA LEU B 176 -24.91 -12.36 5.95
C LEU B 176 -24.83 -11.92 7.41
N ASN B 177 -23.61 -11.68 7.86
CA ASN B 177 -23.27 -11.23 9.21
C ASN B 177 -21.97 -10.39 9.21
N ARG B 178 -21.63 -9.78 10.36
CA ARG B 178 -20.48 -8.88 10.52
C ARG B 178 -19.17 -9.48 10.05
N ASN B 179 -19.03 -10.83 10.13
CA ASN B 179 -17.84 -11.55 9.65
C ASN B 179 -17.60 -11.43 8.15
N TYR B 180 -18.61 -10.94 7.40
CA TYR B 180 -18.56 -10.80 5.95
C TYR B 180 -18.73 -9.33 5.52
N VAL B 181 -17.59 -8.66 5.22
CA VAL B 181 -17.54 -7.28 4.77
C VAL B 181 -17.37 -7.20 3.23
N PHE B 182 -18.40 -6.71 2.53
CA PHE B 182 -18.50 -6.52 1.09
C PHE B 182 -17.82 -5.26 0.62
N THR B 183 -17.79 -5.03 -0.69
CA THR B 183 -17.22 -3.83 -1.26
C THR B 183 -18.10 -3.48 -2.41
N GLY B 184 -18.68 -2.30 -2.34
CA GLY B 184 -19.55 -1.84 -3.39
C GLY B 184 -18.77 -1.38 -4.60
N TYR B 185 -19.41 -1.39 -5.77
CA TYR B 185 -18.81 -0.94 -7.02
C TYR B 185 -19.88 -0.28 -7.90
N ARG B 186 -19.52 0.76 -8.67
CA ARG B 186 -20.45 1.40 -9.62
C ARG B 186 -20.01 1.10 -11.07
N VAL B 187 -20.95 0.74 -11.94
CA VAL B 187 -20.62 0.36 -13.32
C VAL B 187 -20.17 1.55 -14.16
N THR B 188 -18.84 1.75 -14.35
CA THR B 188 -18.33 2.87 -15.17
C THR B 188 -18.42 2.56 -16.69
N LYS B 189 -18.12 3.55 -17.56
CA LYS B 189 -18.16 3.40 -19.01
C LYS B 189 -17.46 2.11 -19.52
N ASN B 190 -16.27 1.78 -18.97
CA ASN B 190 -15.57 0.56 -19.40
C ASN B 190 -14.90 -0.26 -18.27
N SER B 191 -15.11 0.11 -16.99
CA SER B 191 -14.60 -0.66 -15.86
C SER B 191 -15.51 -0.46 -14.59
N LYS B 192 -14.98 -0.61 -13.35
CA LYS B 192 -15.72 -0.49 -12.10
C LYS B 192 -14.98 0.37 -11.04
N VAL B 193 -15.70 1.28 -10.36
CA VAL B 193 -15.09 2.13 -9.34
C VAL B 193 -15.57 1.75 -7.91
N GLN B 194 -14.63 1.55 -6.94
CA GLN B 194 -14.96 1.20 -5.55
C GLN B 194 -15.89 2.25 -4.95
N ILE B 195 -16.84 1.79 -4.16
CA ILE B 195 -17.84 2.67 -3.55
C ILE B 195 -17.95 2.38 -2.01
N GLY B 196 -16.84 1.96 -1.41
CA GLY B 196 -16.75 1.67 0.02
C GLY B 196 -17.13 0.26 0.42
N GLU B 197 -16.76 -0.12 1.65
CA GLU B 197 -17.05 -1.45 2.19
C GLU B 197 -18.48 -1.51 2.78
N TYR B 198 -19.09 -2.71 2.81
CA TYR B 198 -20.46 -2.87 3.27
C TYR B 198 -20.66 -4.13 4.12
N THR B 199 -21.65 -4.11 5.00
CA THR B 199 -22.02 -5.30 5.78
C THR B 199 -23.54 -5.51 5.61
N PHE B 200 -24.01 -6.76 5.65
CA PHE B 200 -25.43 -7.02 5.44
C PHE B 200 -26.07 -7.87 6.53
N GLU B 201 -27.40 -7.89 6.55
CA GLU B 201 -28.23 -8.64 7.47
C GLU B 201 -29.68 -8.73 6.89
N LYS B 202 -30.41 -9.85 7.11
CA LYS B 202 -31.78 -10.05 6.60
C LYS B 202 -32.75 -8.92 7.06
N GLY B 203 -33.80 -8.66 6.29
CA GLY B 203 -34.79 -7.63 6.61
C GLY B 203 -36.20 -8.15 6.78
N ALA B 208 -35.55 -9.04 1.18
CA ALA B 208 -34.92 -7.75 1.45
C ALA B 208 -33.78 -7.83 2.47
N VAL B 209 -32.77 -6.93 2.33
CA VAL B 209 -31.59 -6.88 3.19
C VAL B 209 -31.33 -5.49 3.77
N VAL B 210 -30.58 -5.43 4.88
CA VAL B 210 -30.22 -4.21 5.59
C VAL B 210 -28.70 -3.98 5.51
N TYR B 211 -28.27 -2.85 4.93
CA TYR B 211 -26.83 -2.58 4.78
C TYR B 211 -26.26 -1.65 5.83
N ARG B 212 -25.04 -1.93 6.29
CA ARG B 212 -24.32 -1.10 7.25
C ARG B 212 -23.07 -0.60 6.54
N GLY B 213 -23.28 0.38 5.67
CA GLY B 213 -22.22 0.94 4.84
C GLY B 213 -21.07 1.56 5.61
N THR B 214 -19.84 1.11 5.30
CA THR B 214 -18.58 1.64 5.85
C THR B 214 -18.16 2.88 5.04
N THR B 215 -19.17 3.74 4.72
CA THR B 215 -19.22 5.00 3.97
C THR B 215 -20.70 5.35 3.66
N THR B 216 -20.98 6.64 3.38
CA THR B 216 -22.36 7.05 3.05
C THR B 216 -22.52 7.36 1.55
N TYR B 217 -23.26 6.50 0.85
CA TYR B 217 -23.50 6.68 -0.57
C TYR B 217 -24.99 6.53 -0.90
N LYS B 218 -25.41 7.09 -2.05
CA LYS B 218 -26.80 6.98 -2.52
C LYS B 218 -26.78 5.84 -3.54
N LEU B 219 -26.32 4.65 -3.10
CA LEU B 219 -26.16 3.46 -3.92
C LEU B 219 -27.39 3.12 -4.74
N ASN B 220 -27.27 3.40 -6.03
CA ASN B 220 -28.29 3.18 -7.03
C ASN B 220 -28.31 1.74 -7.52
N VAL B 221 -29.43 1.34 -8.14
CA VAL B 221 -29.66 0.03 -8.72
C VAL B 221 -28.53 -0.34 -9.70
N GLY B 222 -28.04 -1.58 -9.64
CA GLY B 222 -26.94 -2.02 -10.49
C GLY B 222 -25.62 -2.10 -9.77
N ASP B 223 -25.48 -1.41 -8.62
CA ASP B 223 -24.24 -1.46 -7.84
C ASP B 223 -24.07 -2.88 -7.29
N TYR B 224 -22.85 -3.37 -7.29
CA TYR B 224 -22.63 -4.75 -6.89
C TYR B 224 -21.65 -4.83 -5.73
N PHE B 225 -21.66 -5.97 -5.05
CA PHE B 225 -20.88 -6.19 -3.84
C PHE B 225 -20.16 -7.50 -3.87
N VAL B 226 -18.86 -7.45 -3.68
CA VAL B 226 -18.04 -8.65 -3.63
C VAL B 226 -17.21 -8.57 -2.37
N LEU B 227 -16.93 -9.70 -1.77
CA LEU B 227 -16.04 -9.78 -0.63
C LEU B 227 -14.64 -9.59 -1.16
N THR B 228 -13.99 -8.45 -0.88
CA THR B 228 -12.66 -8.18 -1.45
C THR B 228 -11.57 -9.08 -0.89
N SER B 229 -11.13 -10.01 -1.73
CA SER B 229 -10.05 -10.94 -1.45
C SER B 229 -8.71 -10.22 -1.73
N HIS B 230 -7.67 -10.50 -0.94
CA HIS B 230 -6.38 -9.85 -1.15
C HIS B 230 -5.24 -10.83 -1.23
N THR B 231 -4.16 -10.39 -1.89
CA THR B 231 -2.95 -11.18 -2.14
C THR B 231 -2.27 -11.67 -0.85
N VAL B 232 -2.03 -12.99 -0.77
CA VAL B 232 -1.37 -13.63 0.35
C VAL B 232 0.13 -13.70 0.01
N MET B 233 0.94 -12.91 0.69
CA MET B 233 2.38 -12.92 0.50
C MET B 233 3.00 -14.14 1.16
N PRO B 234 4.19 -14.59 0.70
CA PRO B 234 4.85 -15.72 1.37
C PRO B 234 5.47 -15.32 2.70
N LEU B 235 5.68 -16.33 3.58
CA LEU B 235 6.21 -16.15 4.94
C LEU B 235 7.67 -16.57 5.01
N SER B 236 8.49 -15.83 5.77
CA SER B 236 9.93 -16.09 5.89
C SER B 236 10.37 -16.21 7.36
N ALA B 237 9.92 -15.29 8.23
CA ALA B 237 10.25 -15.27 9.67
C ALA B 237 9.45 -16.32 10.47
N PRO B 238 10.01 -16.85 11.58
CA PRO B 238 9.21 -17.79 12.41
C PRO B 238 8.03 -17.10 13.11
N THR B 239 7.09 -17.89 13.65
CA THR B 239 5.92 -17.37 14.39
C THR B 239 6.39 -16.74 15.71
N LEU B 240 7.34 -17.45 16.37
CA LEU B 240 8.04 -17.09 17.58
C LEU B 240 9.54 -17.13 17.32
N VAL B 241 10.25 -16.09 17.74
CA VAL B 241 11.71 -16.09 17.63
C VAL B 241 12.26 -17.07 18.71
N PRO B 242 13.53 -17.49 18.64
CA PRO B 242 14.07 -18.37 19.71
C PRO B 242 14.07 -17.65 21.05
N GLN B 243 13.53 -18.32 22.09
CA GLN B 243 13.46 -17.74 23.41
C GLN B 243 14.85 -17.54 24.07
N GLU B 244 15.04 -16.41 24.76
CA GLU B 244 16.26 -16.12 25.51
C GLU B 244 15.90 -15.65 26.92
N HIS B 245 16.61 -16.15 27.93
CA HIS B 245 16.39 -15.72 29.29
C HIS B 245 17.64 -15.05 29.75
N TYR B 246 17.47 -13.88 30.34
CA TYR B 246 18.59 -13.06 30.80
C TYR B 246 18.61 -12.98 32.31
N VAL B 247 19.80 -12.75 32.86
CA VAL B 247 20.01 -12.65 34.29
C VAL B 247 19.78 -11.20 34.81
N ARG B 248 19.74 -10.21 33.90
CA ARG B 248 19.53 -8.79 34.17
C ARG B 248 18.58 -8.22 33.14
N ILE B 249 17.93 -7.05 33.43
CA ILE B 249 17.13 -6.31 32.42
C ILE B 249 18.12 -5.89 31.33
N THR B 250 17.84 -6.33 30.11
CA THR B 250 18.72 -6.18 28.98
C THR B 250 18.27 -5.13 27.99
N GLY B 251 19.11 -4.13 27.77
CA GLY B 251 18.84 -3.09 26.77
C GLY B 251 17.71 -2.13 27.05
N LEU B 252 17.19 -2.19 28.27
CA LEU B 252 16.09 -1.33 28.70
C LEU B 252 16.52 -0.62 29.96
N TYR B 253 16.11 0.65 30.10
CA TYR B 253 16.50 1.44 31.24
C TYR B 253 15.27 1.90 32.03
N PRO B 254 15.04 1.23 33.19
CA PRO B 254 13.85 1.53 34.00
C PRO B 254 13.89 2.85 34.76
N THR B 255 12.68 3.30 35.12
CA THR B 255 12.52 4.57 35.77
C THR B 255 12.85 4.51 37.26
N LEU B 256 13.17 5.67 37.86
CA LEU B 256 13.39 5.73 39.30
C LEU B 256 12.03 6.01 39.98
N ASN B 257 11.22 6.93 39.40
CA ASN B 257 9.92 7.31 39.92
C ASN B 257 8.81 6.85 39.01
N ILE B 258 7.97 5.95 39.49
CA ILE B 258 6.80 5.50 38.76
C ILE B 258 5.55 5.94 39.52
N SER B 259 4.48 6.14 38.81
CA SER B 259 3.18 6.44 39.37
C SER B 259 2.60 5.17 40.04
N ASP B 260 1.90 5.31 41.20
CA ASP B 260 1.23 4.21 41.89
C ASP B 260 0.05 3.57 41.09
N GLU B 261 -0.31 4.21 39.96
CA GLU B 261 -1.27 3.68 38.99
C GLU B 261 -0.65 2.45 38.26
N PHE B 262 0.68 2.36 38.16
CA PHE B 262 1.38 1.27 37.47
C PHE B 262 2.29 0.44 38.35
N SER B 263 2.27 0.66 39.67
CA SER B 263 3.13 -0.08 40.58
C SER B 263 2.81 -1.57 40.65
N SER B 264 1.55 -1.93 40.44
CA SER B 264 1.15 -3.34 40.44
C SER B 264 1.83 -4.14 39.32
N ASN B 265 2.29 -3.47 38.26
CA ASN B 265 2.93 -4.16 37.16
C ASN B 265 4.47 -4.05 37.15
N VAL B 266 5.11 -3.39 38.13
CA VAL B 266 6.57 -3.25 38.15
C VAL B 266 7.32 -4.60 38.06
N ALA B 267 6.94 -5.59 38.88
CA ALA B 267 7.58 -6.90 38.85
C ALA B 267 7.43 -7.55 37.47
N ASN B 268 6.25 -7.36 36.81
CA ASN B 268 6.00 -7.88 35.47
C ASN B 268 6.79 -7.11 34.37
N TYR B 269 6.94 -5.77 34.51
CA TYR B 269 7.70 -4.95 33.57
C TYR B 269 9.16 -5.34 33.59
N GLN B 270 9.69 -5.74 34.77
CA GLN B 270 11.07 -6.20 34.93
C GLN B 270 11.22 -7.56 34.28
N LYS B 271 10.22 -8.45 34.45
CA LYS B 271 10.17 -9.77 33.81
C LYS B 271 10.28 -9.60 32.28
N VAL B 272 9.63 -8.57 31.73
CA VAL B 272 9.67 -8.23 30.30
C VAL B 272 11.11 -7.92 29.79
N GLY B 273 11.91 -7.25 30.61
CA GLY B 273 13.29 -6.93 30.26
C GLY B 273 14.29 -8.04 30.47
N MET B 274 13.87 -9.13 31.11
CA MET B 274 14.72 -10.27 31.40
C MET B 274 14.46 -11.54 30.57
N GLN B 275 13.76 -11.42 29.45
CA GLN B 275 13.55 -12.48 28.46
C GLN B 275 13.33 -11.86 27.07
N LYS B 276 13.58 -12.63 25.99
CA LYS B 276 13.45 -12.15 24.61
C LYS B 276 11.98 -11.84 24.35
N TYR B 277 11.11 -12.79 24.65
CA TYR B 277 9.68 -12.58 24.51
C TYR B 277 8.98 -13.05 25.78
N SER B 278 7.81 -12.44 26.04
CA SER B 278 7.01 -12.79 27.20
C SER B 278 5.55 -12.78 26.88
N THR B 279 4.81 -13.66 27.49
CA THR B 279 3.38 -13.77 27.27
C THR B 279 2.60 -13.24 28.49
N LEU B 280 1.55 -12.47 28.26
CA LEU B 280 0.74 -11.94 29.34
C LEU B 280 -0.71 -12.39 29.12
N GLN B 281 -1.26 -13.13 30.07
CA GLN B 281 -2.65 -13.48 30.03
C GLN B 281 -3.44 -12.46 30.89
N GLY B 282 -4.35 -11.77 30.23
CA GLY B 282 -5.20 -10.80 30.89
C GLY B 282 -6.66 -11.09 30.69
N PRO B 283 -7.27 -11.76 31.69
CA PRO B 283 -8.74 -12.00 31.64
C PRO B 283 -9.56 -10.71 31.48
N PRO B 284 -10.88 -10.79 31.25
CA PRO B 284 -11.68 -9.56 31.09
C PRO B 284 -11.52 -8.55 32.23
N GLY B 285 -11.27 -7.28 31.87
CA GLY B 285 -11.21 -6.16 32.81
C GLY B 285 -10.11 -6.22 33.84
N THR B 286 -8.99 -6.90 33.52
CA THR B 286 -7.85 -7.02 34.42
C THR B 286 -6.77 -5.95 34.18
N GLY B 287 -6.86 -5.18 33.08
CA GLY B 287 -5.92 -4.08 32.78
C GLY B 287 -4.84 -4.27 31.72
N LYS B 288 -5.20 -4.88 30.60
CA LYS B 288 -4.25 -5.14 29.53
C LYS B 288 -3.67 -3.84 28.88
N SER B 289 -4.53 -2.88 28.45
CA SER B 289 -4.07 -1.61 27.85
C SER B 289 -3.27 -0.82 28.88
N HIS B 290 -3.71 -0.86 30.14
CA HIS B 290 -3.03 -0.18 31.23
C HIS B 290 -1.59 -0.75 31.40
N PHE B 291 -1.46 -2.08 31.30
CA PHE B 291 -0.16 -2.75 31.32
C PHE B 291 0.68 -2.31 30.12
N ALA B 292 0.09 -2.39 28.91
CA ALA B 292 0.77 -2.04 27.70
C ALA B 292 1.34 -0.61 27.71
N ILE B 293 0.54 0.41 28.11
CA ILE B 293 0.99 1.80 28.16
C ILE B 293 1.95 2.05 29.32
N GLY B 294 1.71 1.38 30.45
CA GLY B 294 2.55 1.51 31.63
C GLY B 294 3.98 1.02 31.46
N LEU B 295 4.16 0.09 30.53
CA LEU B 295 5.46 -0.43 30.19
C LEU B 295 6.33 0.70 29.58
N ALA B 296 5.70 1.69 28.87
CA ALA B 296 6.38 2.85 28.31
C ALA B 296 6.81 3.84 29.40
N LEU B 297 6.02 3.94 30.45
CA LEU B 297 6.37 4.78 31.58
C LEU B 297 7.48 4.12 32.43
N TYR B 298 7.52 2.77 32.47
CA TYR B 298 8.54 2.06 33.20
C TYR B 298 9.88 2.08 32.46
N TYR B 299 9.90 1.99 31.11
CA TYR B 299 11.14 2.08 30.32
C TYR B 299 10.97 3.34 29.47
N PRO B 300 11.19 4.52 30.09
CA PRO B 300 10.85 5.78 29.40
C PRO B 300 11.66 6.15 28.17
N SER B 301 12.85 5.56 28.04
CA SER B 301 13.77 5.79 26.93
C SER B 301 13.50 4.84 25.73
N ALA B 302 12.93 3.65 26.03
CA ALA B 302 12.61 2.62 25.04
C ALA B 302 11.64 3.04 23.93
N ARG B 303 11.95 2.66 22.69
CA ARG B 303 11.11 2.88 21.52
C ARG B 303 10.13 1.67 21.45
N ILE B 304 8.81 1.94 21.58
CA ILE B 304 7.83 0.85 21.59
C ILE B 304 6.90 0.87 20.42
N VAL B 305 6.82 -0.27 19.72
CA VAL B 305 5.91 -0.42 18.64
C VAL B 305 4.75 -1.26 19.15
N TYR B 306 3.55 -0.68 19.10
CA TYR B 306 2.31 -1.27 19.54
C TYR B 306 1.58 -1.77 18.35
N THR B 307 1.25 -3.06 18.35
CA THR B 307 0.57 -3.69 17.24
C THR B 307 -0.54 -4.64 17.72
N ALA B 308 -1.51 -4.88 16.83
CA ALA B 308 -2.65 -5.80 16.97
C ALA B 308 -3.17 -6.09 15.54
N CYS B 309 -4.03 -7.09 15.36
CA CYS B 309 -4.56 -7.40 14.02
C CYS B 309 -5.57 -6.34 13.56
N SER B 310 -6.47 -5.94 14.46
CA SER B 310 -7.53 -5.00 14.11
C SER B 310 -7.21 -3.53 14.38
N HIS B 311 -7.87 -2.66 13.60
CA HIS B 311 -7.76 -1.22 13.78
C HIS B 311 -8.38 -0.84 15.12
N ALA B 312 -9.51 -1.47 15.52
CA ALA B 312 -10.12 -1.21 16.81
C ALA B 312 -9.13 -1.49 17.97
N ALA B 313 -8.42 -2.64 17.96
CA ALA B 313 -7.47 -2.96 19.02
C ALA B 313 -6.29 -1.99 19.07
N VAL B 314 -5.82 -1.52 17.90
CA VAL B 314 -4.72 -0.55 17.82
C VAL B 314 -5.19 0.82 18.36
N ASP B 315 -6.45 1.22 17.99
CA ASP B 315 -7.13 2.45 18.40
C ASP B 315 -7.37 2.47 19.90
N ALA B 316 -7.68 1.30 20.51
CA ALA B 316 -7.86 1.21 21.95
C ALA B 316 -6.49 1.43 22.65
N LEU B 317 -5.36 0.97 22.03
CA LEU B 317 -4.04 1.27 22.60
C LEU B 317 -3.71 2.78 22.45
N CYS B 318 -4.14 3.40 21.34
CA CYS B 318 -3.96 4.82 21.09
C CYS B 318 -4.73 5.66 22.13
N GLU B 319 -5.99 5.29 22.45
CA GLU B 319 -6.80 5.99 23.45
C GLU B 319 -6.14 5.98 24.83
N LYS B 320 -5.60 4.84 25.26
CA LYS B 320 -4.89 4.67 26.51
C LYS B 320 -3.56 5.46 26.50
N ALA B 321 -2.85 5.53 25.36
CA ALA B 321 -1.58 6.27 25.26
C ALA B 321 -1.80 7.79 25.30
N LEU B 322 -2.89 8.25 24.70
CA LEU B 322 -3.29 9.65 24.64
C LEU B 322 -3.43 10.24 26.08
N LYS B 323 -3.84 9.41 27.05
CA LYS B 323 -4.03 9.74 28.45
C LYS B 323 -2.70 9.72 29.30
N TYR B 324 -1.68 8.90 28.95
CA TYR B 324 -0.46 8.80 29.77
C TYR B 324 0.87 9.18 29.10
N LEU B 325 0.92 9.12 27.77
CA LEU B 325 2.14 9.32 27.00
C LEU B 325 2.12 10.65 26.25
N PRO B 326 3.31 11.27 26.06
CA PRO B 326 3.34 12.55 25.33
C PRO B 326 2.92 12.39 23.88
N ILE B 327 1.86 13.12 23.47
CA ILE B 327 1.28 13.08 22.13
C ILE B 327 2.29 13.32 20.98
N ASP B 328 3.32 14.18 21.16
CA ASP B 328 4.30 14.43 20.10
C ASP B 328 5.25 13.27 19.87
N LYS B 329 5.33 12.30 20.82
CA LYS B 329 6.14 11.07 20.74
C LYS B 329 5.38 9.87 20.16
N CYS B 330 4.14 10.07 19.69
CA CYS B 330 3.26 9.05 19.14
C CYS B 330 2.95 9.23 17.67
N SER B 331 2.76 8.10 16.98
CA SER B 331 2.37 8.09 15.60
C SER B 331 1.46 6.90 15.27
N ARG B 332 0.36 7.15 14.59
CA ARG B 332 -0.57 6.11 14.18
C ARG B 332 -0.29 5.80 12.69
N ILE B 333 0.31 4.63 12.38
CA ILE B 333 0.61 4.23 10.99
C ILE B 333 -0.67 3.77 10.33
N ILE B 334 -1.04 4.42 9.24
CA ILE B 334 -2.27 4.17 8.48
C ILE B 334 -1.92 3.81 7.05
N PRO B 335 -2.38 2.64 6.56
CA PRO B 335 -2.09 2.29 5.15
C PRO B 335 -2.89 3.21 4.21
N ALA B 336 -2.26 3.69 3.12
CA ALA B 336 -2.97 4.56 2.17
C ALA B 336 -4.07 3.75 1.47
N VAL B 340 -10.26 2.87 5.77
CA VAL B 340 -10.87 2.66 7.09
C VAL B 340 -10.68 3.85 8.03
N GLU B 341 -11.72 4.21 8.82
CA GLU B 341 -11.61 5.30 9.77
C GLU B 341 -11.16 4.85 11.14
N CYS B 342 -9.98 5.30 11.51
CA CYS B 342 -9.36 4.94 12.78
C CYS B 342 -8.85 6.21 13.55
N PHE B 343 -8.07 6.01 14.62
CA PHE B 343 -7.50 7.03 15.49
C PHE B 343 -6.83 8.18 14.72
N ASP B 344 -7.24 9.45 14.99
CA ASP B 344 -6.67 10.57 14.24
C ASP B 344 -6.14 11.67 15.13
N LYS B 345 -5.60 11.30 16.30
CA LYS B 345 -5.05 12.31 17.20
C LYS B 345 -3.50 12.34 17.23
N PHE B 346 -2.84 11.34 16.62
CA PHE B 346 -1.37 11.31 16.57
C PHE B 346 -0.90 11.76 15.18
N LYS B 347 0.39 12.14 15.04
CA LYS B 347 0.91 12.47 13.70
C LYS B 347 0.93 11.20 12.87
N VAL B 348 0.26 11.21 11.70
CA VAL B 348 0.11 9.99 10.89
C VAL B 348 1.33 9.63 10.05
N ASN B 349 1.73 8.34 10.11
CA ASN B 349 2.78 7.71 9.31
C ASN B 349 4.20 8.24 9.55
N SER B 350 4.52 8.52 10.81
CA SER B 350 5.87 8.96 11.17
C SER B 350 6.47 7.77 11.91
N THR B 351 7.00 6.81 11.11
CA THR B 351 7.64 5.56 11.53
C THR B 351 8.74 5.75 12.60
N LEU B 352 9.43 6.90 12.60
CA LEU B 352 10.53 7.13 13.54
C LEU B 352 10.13 7.65 14.94
N GLU B 353 8.84 7.94 15.18
CA GLU B 353 8.38 8.42 16.49
C GLU B 353 8.67 7.36 17.57
N GLN B 354 8.89 7.77 18.84
CA GLN B 354 9.18 6.81 19.90
C GLN B 354 8.09 5.74 20.11
N TYR B 355 6.81 6.12 19.91
CA TYR B 355 5.68 5.21 20.08
C TYR B 355 4.94 5.11 18.77
N VAL B 356 4.91 3.90 18.18
CA VAL B 356 4.29 3.67 16.90
C VAL B 356 3.14 2.70 17.07
N PHE B 357 1.95 3.09 16.68
CA PHE B 357 0.76 2.26 16.82
C PHE B 357 0.34 1.91 15.43
N CYS B 358 0.22 0.63 15.15
CA CYS B 358 -0.03 0.19 13.80
C CYS B 358 -0.60 -1.24 13.74
N THR B 359 -1.51 -1.54 12.77
CA THR B 359 -2.04 -2.90 12.60
C THR B 359 -0.93 -3.80 12.00
N VAL B 360 -1.03 -5.12 12.19
CA VAL B 360 -0.03 -6.04 11.66
C VAL B 360 0.15 -5.92 10.12
N ASN B 361 -0.95 -5.86 9.34
CA ASN B 361 -0.90 -5.81 7.87
C ASN B 361 -0.27 -4.51 7.30
N ALA B 362 -0.14 -3.46 8.16
CA ALA B 362 0.46 -2.20 7.75
C ALA B 362 1.87 -1.94 8.32
N LEU B 363 2.41 -2.89 9.10
CA LEU B 363 3.71 -2.71 9.74
C LEU B 363 4.84 -2.34 8.81
N PRO B 364 5.56 -1.26 9.12
CA PRO B 364 6.75 -0.95 8.34
C PRO B 364 7.93 -1.85 8.74
N GLU B 365 9.01 -1.78 7.97
CA GLU B 365 10.21 -2.55 8.29
C GLU B 365 11.07 -1.68 9.14
N THR B 366 11.05 -1.94 10.44
CA THR B 366 11.77 -1.15 11.43
C THR B 366 12.24 -2.02 12.63
N THR B 367 12.94 -1.41 13.58
CA THR B 367 13.38 -2.07 14.80
C THR B 367 12.77 -1.37 16.04
N ALA B 368 12.81 -2.03 17.20
CA ALA B 368 12.25 -1.47 18.43
C ALA B 368 12.95 -2.04 19.66
N ASP B 369 12.88 -1.30 20.77
CA ASP B 369 13.40 -1.77 22.04
C ASP B 369 12.37 -2.79 22.61
N ILE B 370 11.07 -2.51 22.46
CA ILE B 370 9.97 -3.40 22.83
C ILE B 370 8.90 -3.38 21.75
N VAL B 371 8.41 -4.54 21.40
CA VAL B 371 7.26 -4.67 20.53
C VAL B 371 6.15 -5.23 21.41
N VAL B 372 4.98 -4.59 21.42
CA VAL B 372 3.83 -5.05 22.19
C VAL B 372 2.81 -5.49 21.18
N PHE B 373 2.42 -6.78 21.19
CA PHE B 373 1.40 -7.31 20.29
C PHE B 373 0.19 -7.63 21.18
N ASP B 374 -0.91 -6.87 21.02
CA ASP B 374 -2.15 -6.99 21.78
C ASP B 374 -3.20 -7.88 21.12
N GLU B 375 -4.19 -8.33 21.90
CA GLU B 375 -5.30 -9.19 21.51
C GLU B 375 -4.78 -10.45 20.81
N ILE B 376 -3.83 -11.14 21.45
CA ILE B 376 -3.14 -12.30 20.89
C ILE B 376 -4.03 -13.50 20.58
N SER B 377 -5.19 -13.67 21.26
CA SER B 377 -6.10 -14.79 20.90
C SER B 377 -6.62 -14.61 19.45
N MET B 378 -6.70 -13.34 18.97
CA MET B 378 -7.19 -12.98 17.62
C MET B 378 -6.12 -13.08 16.51
N ALA B 379 -4.83 -13.30 16.88
CA ALA B 379 -3.78 -13.44 15.89
C ALA B 379 -3.76 -14.87 15.33
N THR B 380 -3.38 -14.99 14.06
CA THR B 380 -3.15 -16.29 13.42
C THR B 380 -1.61 -16.45 13.36
N ASN B 381 -1.13 -17.65 12.97
CA ASN B 381 0.32 -17.85 12.82
C ASN B 381 0.89 -17.01 11.67
N TYR B 382 0.05 -16.67 10.69
CA TYR B 382 0.42 -15.78 9.61
C TYR B 382 0.80 -14.40 10.19
N ASP B 383 -0.05 -13.84 11.05
CA ASP B 383 0.18 -12.55 11.69
C ASP B 383 1.43 -12.60 12.57
N LEU B 384 1.60 -13.69 13.35
CA LEU B 384 2.77 -13.90 14.20
C LEU B 384 4.08 -13.79 13.41
N SER B 385 4.13 -14.44 12.25
CA SER B 385 5.27 -14.47 11.34
C SER B 385 5.55 -13.08 10.73
N VAL B 386 4.51 -12.39 10.19
CA VAL B 386 4.63 -11.04 9.62
C VAL B 386 5.29 -10.08 10.64
N VAL B 387 4.84 -10.11 11.89
CA VAL B 387 5.42 -9.27 12.93
C VAL B 387 6.94 -9.53 13.10
N ASN B 388 7.35 -10.82 13.06
CA ASN B 388 8.77 -11.15 13.20
C ASN B 388 9.59 -10.73 11.97
N ALA B 389 8.95 -10.63 10.79
CA ALA B 389 9.57 -10.25 9.54
C ALA B 389 9.72 -8.75 9.39
N ARG B 390 8.72 -7.98 9.85
CA ARG B 390 8.74 -6.53 9.75
C ARG B 390 9.53 -5.86 10.91
N LEU B 391 9.48 -6.43 12.13
CA LEU B 391 10.05 -5.82 13.34
C LEU B 391 11.16 -6.63 14.00
N ARG B 392 12.35 -6.04 14.13
CA ARG B 392 13.44 -6.69 14.84
C ARG B 392 13.54 -6.00 16.22
N ALA B 393 13.12 -6.68 17.29
CA ALA B 393 13.10 -6.08 18.62
C ALA B 393 13.97 -6.74 19.69
N LYS B 394 14.39 -5.96 20.73
CA LYS B 394 15.11 -6.50 21.87
C LYS B 394 14.15 -7.37 22.68
N HIS B 395 12.88 -6.93 22.81
CA HIS B 395 11.85 -7.61 23.59
C HIS B 395 10.54 -7.58 22.88
N TYR B 396 9.83 -8.69 22.93
CA TYR B 396 8.52 -8.84 22.33
C TYR B 396 7.57 -9.21 23.44
N VAL B 397 6.43 -8.52 23.55
CA VAL B 397 5.45 -8.82 24.58
C VAL B 397 4.14 -9.17 23.90
N TYR B 398 3.60 -10.34 24.19
CA TYR B 398 2.36 -10.81 23.59
C TYR B 398 1.28 -10.75 24.64
N ILE B 399 0.25 -9.95 24.39
CA ILE B 399 -0.83 -9.75 25.35
C ILE B 399 -2.16 -10.19 24.81
N GLY B 400 -2.91 -10.88 25.65
CA GLY B 400 -4.22 -11.35 25.29
C GLY B 400 -4.74 -12.35 26.30
N ASP B 401 -5.65 -13.22 25.87
CA ASP B 401 -6.24 -14.21 26.74
C ASP B 401 -6.69 -15.38 25.89
N PRO B 402 -6.04 -16.58 26.02
CA PRO B 402 -6.48 -17.77 25.27
C PRO B 402 -7.86 -18.28 25.69
N ALA B 403 -8.44 -17.73 26.78
CA ALA B 403 -9.81 -18.03 27.20
C ALA B 403 -10.85 -17.12 26.51
N GLN B 404 -10.40 -16.23 25.60
CA GLN B 404 -11.30 -15.39 24.82
C GLN B 404 -11.38 -15.89 23.37
N LEU B 405 -12.17 -15.23 22.54
CA LEU B 405 -12.40 -15.67 21.19
C LEU B 405 -11.19 -15.52 20.23
N PRO B 406 -11.00 -16.57 19.38
CA PRO B 406 -9.95 -16.52 18.37
C PRO B 406 -10.42 -15.84 17.08
N ALA B 407 -9.52 -15.69 16.09
CA ALA B 407 -9.84 -15.12 14.79
C ALA B 407 -10.79 -16.12 14.12
N PRO B 408 -11.86 -15.65 13.45
CA PRO B 408 -12.78 -16.60 12.81
C PRO B 408 -12.07 -17.42 11.75
N ARG B 409 -12.30 -18.74 11.75
CA ARG B 409 -11.72 -19.60 10.75
C ARG B 409 -12.86 -19.92 9.83
N THR B 410 -13.06 -19.07 8.81
CA THR B 410 -14.18 -19.17 7.86
C THR B 410 -14.31 -20.54 7.22
N LEU B 411 -13.18 -21.25 6.97
CA LEU B 411 -13.25 -22.57 6.36
C LEU B 411 -13.60 -23.68 7.35
N LEU B 412 -13.32 -23.49 8.65
CA LEU B 412 -13.56 -24.54 9.64
C LEU B 412 -15.03 -24.79 9.96
N THR B 413 -15.53 -25.99 9.62
CA THR B 413 -16.91 -26.35 9.92
C THR B 413 -17.01 -27.60 10.80
N LYS B 414 -15.98 -28.44 10.81
CA LYS B 414 -16.01 -29.69 11.53
C LYS B 414 -14.98 -29.74 12.65
N GLY B 415 -15.48 -29.85 13.87
CA GLY B 415 -14.62 -29.90 15.04
C GLY B 415 -14.53 -28.55 15.72
N THR B 416 -14.08 -28.56 16.97
CA THR B 416 -13.89 -27.32 17.73
C THR B 416 -12.39 -27.07 17.82
N LEU B 417 -11.98 -25.84 17.55
CA LEU B 417 -10.58 -25.45 17.67
C LEU B 417 -10.27 -25.03 19.12
N GLU B 418 -9.46 -25.82 19.83
CA GLU B 418 -9.07 -25.56 21.22
C GLU B 418 -8.07 -24.38 21.34
N PRO B 419 -8.13 -23.60 22.45
CA PRO B 419 -7.20 -22.45 22.61
C PRO B 419 -5.72 -22.73 22.38
N GLU B 420 -5.25 -23.94 22.74
CA GLU B 420 -3.86 -24.31 22.49
C GLU B 420 -3.52 -24.43 20.99
N TYR B 421 -4.50 -24.29 20.11
CA TYR B 421 -4.29 -24.38 18.67
C TYR B 421 -4.65 -23.06 17.93
N PHE B 422 -4.92 -21.96 18.66
CA PHE B 422 -5.26 -20.68 18.04
C PHE B 422 -4.06 -20.16 17.32
N ASN B 423 -2.90 -20.19 17.95
CA ASN B 423 -1.63 -19.76 17.36
C ASN B 423 -0.48 -20.25 18.28
N SER B 424 0.80 -19.98 17.90
CA SER B 424 1.96 -20.40 18.66
C SER B 424 1.99 -19.81 20.06
N VAL B 425 1.54 -18.53 20.23
CA VAL B 425 1.53 -17.86 21.53
C VAL B 425 0.54 -18.52 22.46
N CYS B 426 -0.68 -18.75 21.97
CA CYS B 426 -1.73 -19.39 22.74
C CYS B 426 -1.35 -20.83 23.07
N ARG B 427 -0.65 -21.52 22.15
CA ARG B 427 -0.14 -22.87 22.37
C ARG B 427 0.80 -22.87 23.59
N LEU B 428 1.73 -21.89 23.67
CA LEU B 428 2.62 -21.76 24.82
C LEU B 428 1.83 -21.47 26.10
N MET B 429 0.91 -20.47 26.08
CA MET B 429 0.11 -20.10 27.24
C MET B 429 -0.72 -21.26 27.80
N LYS B 430 -1.14 -22.20 26.96
CA LYS B 430 -1.93 -23.34 27.39
C LYS B 430 -1.12 -24.58 27.78
N THR B 431 0.16 -24.62 27.37
CA THR B 431 1.01 -25.78 27.64
C THR B 431 2.02 -25.48 28.76
N ILE B 432 2.93 -24.50 28.55
CA ILE B 432 3.91 -24.09 29.58
C ILE B 432 3.41 -22.95 30.50
N GLY B 433 2.18 -22.47 30.27
CA GLY B 433 1.59 -21.36 31.02
C GLY B 433 2.09 -20.01 30.56
N PRO B 434 1.30 -18.94 30.83
CA PRO B 434 1.79 -17.59 30.47
C PRO B 434 2.85 -17.11 31.45
N ASP B 435 3.74 -16.26 30.95
CA ASP B 435 4.79 -15.70 31.81
C ASP B 435 4.18 -14.80 32.89
N MET B 436 3.12 -14.05 32.49
CA MET B 436 2.50 -13.12 33.41
C MET B 436 1.01 -13.25 33.34
N PHE B 437 0.35 -12.99 34.47
CA PHE B 437 -1.09 -13.10 34.55
C PHE B 437 -1.70 -11.95 35.35
N LEU B 438 -2.65 -11.18 34.75
CA LEU B 438 -3.37 -10.10 35.46
C LEU B 438 -4.51 -10.77 36.22
N GLY B 439 -4.27 -10.97 37.51
CA GLY B 439 -5.11 -11.75 38.39
C GLY B 439 -6.33 -11.10 39.00
N THR B 440 -6.52 -9.77 38.82
CA THR B 440 -7.69 -9.15 39.45
C THR B 440 -8.62 -8.49 38.43
N CYS B 441 -9.83 -9.01 38.35
CA CYS B 441 -10.84 -8.47 37.48
C CYS B 441 -11.48 -7.28 38.17
N ARG B 442 -11.35 -6.08 37.58
CA ARG B 442 -11.96 -4.89 38.17
C ARG B 442 -13.32 -4.52 37.57
N ARG B 443 -13.79 -5.24 36.56
CA ARG B 443 -15.02 -4.87 35.90
C ARG B 443 -16.27 -5.54 36.46
N CYS B 444 -16.23 -6.85 36.61
CA CYS B 444 -17.42 -7.64 36.85
C CYS B 444 -17.81 -7.81 38.28
N PRO B 445 -19.14 -7.92 38.53
CA PRO B 445 -19.61 -8.30 39.87
C PRO B 445 -19.06 -9.70 40.22
N ALA B 446 -18.75 -9.95 41.50
CA ALA B 446 -18.14 -11.20 41.92
C ALA B 446 -18.83 -12.47 41.40
N GLU B 447 -20.17 -12.54 41.26
CA GLU B 447 -20.84 -13.76 40.70
C GLU B 447 -20.23 -14.19 39.37
N ILE B 448 -19.96 -13.22 38.47
CA ILE B 448 -19.38 -13.40 37.15
C ILE B 448 -17.92 -13.78 37.26
N VAL B 449 -17.16 -13.05 38.08
CA VAL B 449 -15.75 -13.36 38.26
C VAL B 449 -15.55 -14.79 38.82
N ASP B 450 -16.39 -15.21 39.78
CA ASP B 450 -16.30 -16.54 40.36
C ASP B 450 -16.65 -17.62 39.34
N THR B 451 -17.62 -17.35 38.46
CA THR B 451 -18.03 -18.30 37.42
C THR B 451 -16.94 -18.55 36.37
N VAL B 452 -16.38 -17.47 35.77
CA VAL B 452 -15.35 -17.61 34.74
C VAL B 452 -14.00 -18.02 35.34
N SER B 453 -13.73 -17.66 36.60
CA SER B 453 -12.51 -18.07 37.29
C SER B 453 -12.46 -19.60 37.38
N ALA B 454 -13.58 -20.25 37.71
CA ALA B 454 -13.65 -21.71 37.79
C ALA B 454 -13.73 -22.35 36.40
N LEU B 455 -14.49 -21.73 35.50
CA LEU B 455 -14.70 -22.22 34.14
C LEU B 455 -13.44 -22.26 33.26
N VAL B 456 -12.63 -21.17 33.22
CA VAL B 456 -11.50 -21.12 32.28
C VAL B 456 -10.15 -20.66 32.87
N TYR B 457 -10.10 -20.18 34.15
CA TYR B 457 -8.87 -19.62 34.73
C TYR B 457 -8.25 -20.42 35.88
N ASP B 458 -8.64 -21.71 36.08
CA ASP B 458 -8.11 -22.55 37.18
C ASP B 458 -8.23 -21.89 38.57
N ASN B 459 -9.29 -21.11 38.81
CA ASN B 459 -9.58 -20.41 40.06
C ASN B 459 -8.52 -19.37 40.45
N LYS B 460 -7.82 -18.81 39.44
CA LYS B 460 -6.79 -17.81 39.71
C LYS B 460 -7.23 -16.38 39.42
N LEU B 461 -8.47 -16.17 38.90
CA LEU B 461 -8.98 -14.84 38.65
C LEU B 461 -9.76 -14.41 39.89
N LYS B 462 -9.38 -13.25 40.45
CA LYS B 462 -10.00 -12.74 41.65
C LYS B 462 -10.92 -11.54 41.36
N ALA B 463 -11.99 -11.38 42.16
CA ALA B 463 -12.91 -10.27 41.97
C ALA B 463 -12.45 -9.09 42.79
N HIS B 464 -12.56 -7.91 42.21
CA HIS B 464 -12.28 -6.67 42.94
C HIS B 464 -13.66 -6.15 43.43
N LYS B 465 -14.68 -6.17 42.58
CA LYS B 465 -16.03 -5.77 42.99
C LYS B 465 -16.64 -6.86 43.89
N ASP B 466 -17.59 -6.45 44.74
CA ASP B 466 -18.36 -7.39 45.55
C ASP B 466 -19.40 -8.09 44.61
N LYS B 467 -20.19 -9.04 45.15
CA LYS B 467 -21.30 -9.62 44.41
C LYS B 467 -22.33 -8.49 44.24
N SER B 468 -22.86 -8.29 43.04
CA SER B 468 -23.84 -7.24 42.80
C SER B 468 -25.26 -7.63 43.24
N ALA B 469 -25.56 -8.94 43.33
CA ALA B 469 -26.90 -9.52 43.55
C ALA B 469 -27.86 -9.15 42.39
N GLN B 470 -27.29 -8.88 41.20
CA GLN B 470 -28.00 -8.55 39.98
C GLN B 470 -27.56 -9.49 38.84
N CYS B 471 -27.16 -10.74 39.17
CA CYS B 471 -26.74 -11.72 38.19
C CYS B 471 -27.70 -12.88 38.29
N PHE B 472 -28.53 -13.05 37.27
CA PHE B 472 -29.59 -14.05 37.21
C PHE B 472 -29.43 -15.03 36.06
N LYS B 473 -29.91 -16.24 36.29
CA LYS B 473 -29.90 -17.30 35.29
C LYS B 473 -31.28 -17.97 35.23
N MET B 474 -31.75 -18.26 34.03
N MET B 474 -31.74 -18.26 34.03
CA MET B 474 -33.00 -19.00 33.84
CA MET B 474 -33.00 -18.94 33.79
C MET B 474 -32.73 -20.09 32.86
C MET B 474 -32.70 -20.09 32.86
N PHE B 475 -33.26 -21.26 33.12
CA PHE B 475 -33.10 -22.39 32.26
C PHE B 475 -34.40 -22.51 31.41
N TYR B 476 -34.31 -22.26 30.11
CA TYR B 476 -35.48 -22.22 29.23
C TYR B 476 -35.07 -22.54 27.80
N LYS B 477 -35.39 -23.73 27.31
CA LYS B 477 -34.99 -24.14 25.96
C LYS B 477 -35.74 -23.44 24.82
N GLY B 478 -36.99 -23.04 25.05
CA GLY B 478 -37.79 -22.34 24.05
C GLY B 478 -38.05 -23.12 22.79
N VAL B 479 -37.96 -22.45 21.64
CA VAL B 479 -38.19 -22.98 20.31
C VAL B 479 -37.11 -22.46 19.38
N ILE B 480 -36.33 -23.37 18.78
CA ILE B 480 -35.25 -22.96 17.91
C ILE B 480 -35.74 -22.97 16.48
N THR B 481 -35.64 -21.83 15.83
CA THR B 481 -35.92 -21.68 14.40
C THR B 481 -34.60 -21.33 13.69
N HIS B 482 -34.45 -21.83 12.45
CA HIS B 482 -33.26 -21.65 11.64
C HIS B 482 -33.62 -20.92 10.37
N ASP B 483 -32.75 -19.99 9.97
CA ASP B 483 -32.91 -19.40 8.67
C ASP B 483 -31.67 -19.89 7.82
N VAL B 484 -31.17 -19.09 6.87
CA VAL B 484 -30.10 -19.52 5.98
C VAL B 484 -28.78 -19.87 6.69
N SER B 485 -28.33 -19.04 7.65
CA SER B 485 -27.04 -19.27 8.31
C SER B 485 -27.05 -18.88 9.80
N SER B 486 -28.23 -18.86 10.44
CA SER B 486 -28.32 -18.45 11.84
C SER B 486 -29.48 -19.12 12.58
N ALA B 487 -29.55 -18.91 13.91
CA ALA B 487 -30.65 -19.43 14.72
C ALA B 487 -31.41 -18.29 15.44
N ILE B 488 -32.66 -18.56 15.73
CA ILE B 488 -33.56 -17.65 16.40
C ILE B 488 -34.30 -18.46 17.49
N ASN B 489 -34.46 -17.87 18.67
CA ASN B 489 -35.24 -18.46 19.74
C ASN B 489 -36.20 -17.37 20.23
N ARG B 490 -37.38 -17.23 19.56
CA ARG B 490 -38.42 -16.24 19.91
C ARG B 490 -38.94 -16.42 21.34
N PRO B 491 -39.26 -17.66 21.83
CA PRO B 491 -39.69 -17.80 23.23
C PRO B 491 -38.64 -17.30 24.25
N GLN B 492 -37.32 -17.42 23.98
CA GLN B 492 -36.30 -16.87 24.89
C GLN B 492 -36.33 -15.32 24.88
N ILE B 493 -36.65 -14.71 23.74
CA ILE B 493 -36.85 -13.25 23.63
C ILE B 493 -38.14 -12.86 24.37
N GLY B 494 -39.16 -13.73 24.34
CA GLY B 494 -40.42 -13.54 25.03
C GLY B 494 -40.22 -13.55 26.54
N VAL B 495 -39.36 -14.44 27.05
CA VAL B 495 -39.03 -14.51 28.46
C VAL B 495 -38.35 -13.18 28.86
N VAL B 496 -37.43 -12.63 28.01
CA VAL B 496 -36.74 -11.33 28.25
C VAL B 496 -37.76 -10.22 28.31
N ARG B 497 -38.70 -10.19 27.38
CA ARG B 497 -39.77 -9.18 27.32
C ARG B 497 -40.59 -9.21 28.62
N GLU B 498 -40.96 -10.40 29.14
CA GLU B 498 -41.69 -10.55 30.39
C GLU B 498 -40.86 -10.02 31.57
N PHE B 499 -39.55 -10.33 31.58
CA PHE B 499 -38.61 -9.86 32.56
C PHE B 499 -38.49 -8.32 32.53
N LEU B 500 -38.41 -7.70 31.34
CA LEU B 500 -38.27 -6.25 31.22
C LEU B 500 -39.52 -5.51 31.70
N THR B 501 -40.74 -6.05 31.47
CA THR B 501 -41.94 -5.41 31.99
C THR B 501 -41.92 -5.39 33.53
N ARG B 502 -41.40 -6.48 34.14
CA ARG B 502 -41.31 -6.59 35.58
C ARG B 502 -40.07 -5.92 36.18
N ASN B 503 -39.05 -5.60 35.38
CA ASN B 503 -37.77 -5.02 35.82
C ASN B 503 -37.34 -3.94 34.83
N PRO B 504 -38.18 -2.88 34.67
CA PRO B 504 -37.88 -1.85 33.67
C PRO B 504 -36.52 -1.14 33.81
N ALA B 505 -35.85 -1.18 34.98
CA ALA B 505 -34.50 -0.61 35.11
C ALA B 505 -33.53 -1.30 34.11
N TRP B 506 -33.78 -2.59 33.79
CA TRP B 506 -33.00 -3.39 32.83
C TRP B 506 -33.17 -2.93 31.37
N ARG B 507 -33.93 -1.86 31.10
CA ARG B 507 -34.04 -1.29 29.77
C ARG B 507 -32.75 -0.61 29.34
N LYS B 508 -31.84 -0.32 30.27
CA LYS B 508 -30.52 0.20 29.94
C LYS B 508 -29.52 -0.97 29.55
N ALA B 509 -30.00 -2.23 29.47
CA ALA B 509 -29.17 -3.37 29.12
C ALA B 509 -28.88 -3.51 27.61
N VAL B 510 -27.72 -4.14 27.33
CA VAL B 510 -27.31 -4.52 26.00
C VAL B 510 -27.71 -5.97 25.84
N PHE B 511 -28.42 -6.29 24.76
CA PHE B 511 -28.85 -7.64 24.44
C PHE B 511 -27.72 -8.36 23.68
N ILE B 512 -27.30 -9.51 24.19
CA ILE B 512 -26.25 -10.30 23.57
C ILE B 512 -26.72 -11.73 23.32
N SER B 513 -26.31 -12.30 22.18
CA SER B 513 -26.59 -13.70 21.83
C SER B 513 -25.50 -14.23 20.90
N PRO B 514 -25.35 -15.55 20.71
CA PRO B 514 -24.33 -16.06 19.75
C PRO B 514 -24.75 -15.98 18.27
N TYR B 515 -25.98 -15.49 17.96
CA TYR B 515 -26.48 -15.43 16.58
C TYR B 515 -27.01 -14.05 16.18
N ASN B 516 -26.64 -13.56 15.01
CA ASN B 516 -27.09 -12.25 14.52
C ASN B 516 -28.60 -12.22 14.19
N SER B 517 -29.19 -13.37 13.82
CA SER B 517 -30.62 -13.42 13.54
C SER B 517 -31.45 -13.35 14.79
N GLN B 518 -30.95 -13.93 15.89
CA GLN B 518 -31.58 -13.84 17.20
C GLN B 518 -31.55 -12.34 17.64
N ASN B 519 -30.38 -11.69 17.48
CA ASN B 519 -30.15 -10.27 17.76
C ASN B 519 -31.08 -9.36 16.92
N ALA B 520 -31.32 -9.70 15.65
CA ALA B 520 -32.16 -8.89 14.79
C ALA B 520 -33.61 -8.92 15.28
N VAL B 521 -34.10 -10.14 15.64
CA VAL B 521 -35.44 -10.33 16.18
C VAL B 521 -35.57 -9.57 17.52
N ALA B 522 -34.57 -9.73 18.43
CA ALA B 522 -34.59 -9.05 19.72
C ALA B 522 -34.53 -7.54 19.59
N SER B 523 -33.86 -7.00 18.55
CA SER B 523 -33.76 -5.55 18.38
C SER B 523 -35.14 -4.95 18.12
N LYS B 524 -35.93 -5.61 17.29
CA LYS B 524 -37.27 -5.14 16.95
C LYS B 524 -38.29 -5.34 18.12
N ILE B 525 -38.26 -6.52 18.78
CA ILE B 525 -39.16 -6.86 19.89
C ILE B 525 -38.82 -6.17 21.23
N LEU B 526 -37.53 -6.10 21.58
CA LEU B 526 -37.11 -5.51 22.86
C LEU B 526 -36.69 -4.05 22.75
N GLY B 527 -36.16 -3.65 21.62
CA GLY B 527 -35.65 -2.30 21.46
C GLY B 527 -34.34 -2.07 22.17
N LEU B 528 -33.73 -3.11 22.75
CA LEU B 528 -32.43 -2.98 23.39
C LEU B 528 -31.36 -2.94 22.30
N PRO B 529 -30.23 -2.26 22.54
CA PRO B 529 -29.10 -2.37 21.58
C PRO B 529 -28.58 -3.82 21.61
N THR B 530 -28.16 -4.34 20.45
CA THR B 530 -27.67 -5.72 20.39
C THR B 530 -26.21 -5.85 19.92
N GLN B 531 -25.55 -6.92 20.39
CA GLN B 531 -24.18 -7.34 20.05
C GLN B 531 -24.14 -8.86 19.99
N THR B 532 -23.42 -9.42 19.03
CA THR B 532 -23.14 -10.84 19.05
C THR B 532 -22.04 -11.02 20.10
N VAL B 533 -21.84 -12.23 20.63
CA VAL B 533 -20.76 -12.46 21.59
C VAL B 533 -19.38 -12.02 21.00
N ASP B 534 -19.16 -12.42 19.72
CA ASP B 534 -17.95 -12.14 18.97
C ASP B 534 -17.71 -10.61 18.75
N SER B 535 -18.75 -9.82 18.49
CA SER B 535 -18.55 -8.36 18.34
C SER B 535 -18.50 -7.64 19.70
N SER B 536 -18.96 -8.28 20.78
CA SER B 536 -18.95 -7.68 22.10
C SER B 536 -17.56 -7.71 22.74
N GLN B 537 -16.65 -8.65 22.32
CA GLN B 537 -15.28 -8.79 22.85
C GLN B 537 -14.55 -7.45 22.87
N GLY B 538 -14.00 -7.10 24.03
CA GLY B 538 -13.34 -5.82 24.21
C GLY B 538 -14.22 -4.70 24.77
N SER B 539 -15.55 -4.84 24.66
CA SER B 539 -16.50 -3.84 25.18
C SER B 539 -17.06 -4.20 26.57
N GLU B 540 -17.58 -3.19 27.30
CA GLU B 540 -18.20 -3.42 28.60
C GLU B 540 -19.45 -2.59 28.72
N TYR B 541 -20.45 -3.12 29.42
CA TYR B 541 -21.76 -2.49 29.60
C TYR B 541 -22.25 -2.72 31.04
N ASP B 542 -23.04 -1.79 31.60
CA ASP B 542 -23.56 -1.98 32.97
C ASP B 542 -24.41 -3.26 33.09
N TYR B 543 -25.38 -3.44 32.17
CA TYR B 543 -26.25 -4.58 32.21
C TYR B 543 -26.25 -5.30 30.89
N VAL B 544 -26.28 -6.61 30.97
CA VAL B 544 -26.24 -7.48 29.83
C VAL B 544 -27.40 -8.47 29.94
N ILE B 545 -28.09 -8.71 28.83
CA ILE B 545 -29.11 -9.74 28.79
C ILE B 545 -28.66 -10.67 27.70
N PHE B 546 -28.35 -11.88 28.08
CA PHE B 546 -27.85 -12.89 27.18
C PHE B 546 -28.85 -14.02 26.97
N THR B 547 -29.22 -14.34 25.70
CA THR B 547 -30.03 -15.55 25.42
C THR B 547 -29.09 -16.55 24.68
N GLN B 548 -28.89 -17.76 25.23
CA GLN B 548 -28.04 -18.76 24.59
C GLN B 548 -28.57 -19.20 23.21
N THR B 549 -29.87 -19.04 22.94
CA THR B 549 -30.54 -19.35 21.64
C THR B 549 -30.63 -20.89 21.35
N THR B 550 -29.49 -21.58 21.23
CA THR B 550 -29.43 -23.02 20.95
C THR B 550 -28.41 -23.69 21.94
N GLU B 551 -28.26 -25.03 21.85
CA GLU B 551 -27.22 -25.71 22.63
C GLU B 551 -26.29 -26.45 21.70
N THR B 552 -25.75 -25.71 20.73
CA THR B 552 -24.81 -26.20 19.74
C THR B 552 -23.38 -26.08 20.31
N ALA B 553 -22.37 -26.62 19.60
CA ALA B 553 -20.98 -26.43 19.98
C ALA B 553 -20.62 -24.92 19.91
N HIS B 554 -21.30 -24.12 19.02
CA HIS B 554 -21.07 -22.68 18.88
C HIS B 554 -21.58 -21.90 20.11
N SER B 555 -22.85 -22.11 20.48
CA SER B 555 -23.42 -21.41 21.61
C SER B 555 -22.88 -21.94 22.96
N CYS B 556 -22.31 -23.17 22.99
CA CYS B 556 -21.73 -23.74 24.20
C CYS B 556 -20.25 -23.57 24.31
N ASN B 557 -19.60 -22.91 23.36
CA ASN B 557 -18.15 -22.77 23.41
C ASN B 557 -17.76 -22.00 24.68
N VAL B 558 -16.90 -22.61 25.54
CA VAL B 558 -16.59 -21.97 26.80
C VAL B 558 -15.92 -20.61 26.63
N ASN B 559 -15.15 -20.40 25.57
CA ASN B 559 -14.49 -19.11 25.33
C ASN B 559 -15.51 -18.04 24.97
N ARG B 560 -16.49 -18.40 24.17
CA ARG B 560 -17.56 -17.52 23.78
C ARG B 560 -18.43 -17.23 25.01
N PHE B 561 -18.71 -18.25 25.81
CA PHE B 561 -19.52 -18.07 27.02
C PHE B 561 -18.85 -17.12 28.03
N ASN B 562 -17.52 -17.30 28.20
CA ASN B 562 -16.64 -16.47 29.02
C ASN B 562 -16.75 -15.00 28.56
N VAL B 563 -16.59 -14.73 27.25
CA VAL B 563 -16.69 -13.39 26.72
C VAL B 563 -18.09 -12.80 26.95
N ALA B 564 -19.13 -13.60 26.70
CA ALA B 564 -20.49 -13.14 26.85
C ALA B 564 -20.82 -12.59 28.27
N ILE B 565 -20.52 -13.33 29.33
CA ILE B 565 -20.89 -12.94 30.66
C ILE B 565 -19.91 -11.94 31.30
N THR B 566 -18.68 -11.83 30.80
CA THR B 566 -17.72 -10.85 31.31
C THR B 566 -17.87 -9.46 30.66
N ARG B 567 -18.95 -9.20 29.90
CA ARG B 567 -19.18 -7.88 29.34
C ARG B 567 -19.83 -6.94 30.39
N ALA B 568 -20.49 -7.52 31.43
CA ALA B 568 -21.25 -6.82 32.48
C ALA B 568 -20.41 -6.25 33.62
N LYS B 569 -20.69 -4.98 33.93
CA LYS B 569 -20.09 -4.27 35.08
C LYS B 569 -21.02 -4.42 36.30
N VAL B 570 -22.35 -4.44 36.09
CA VAL B 570 -23.28 -4.47 37.20
C VAL B 570 -24.20 -5.72 37.27
N GLY B 571 -25.02 -5.94 36.23
CA GLY B 571 -25.93 -7.07 36.24
C GLY B 571 -25.96 -7.83 34.95
N ILE B 572 -26.34 -9.10 35.03
CA ILE B 572 -26.52 -9.95 33.86
C ILE B 572 -27.72 -10.87 34.05
N LEU B 573 -28.47 -11.09 32.98
CA LEU B 573 -29.56 -12.04 32.96
C LEU B 573 -29.17 -13.04 31.85
N CYS B 574 -29.02 -14.32 32.18
CA CYS B 574 -28.70 -15.34 31.19
C CYS B 574 -29.87 -16.27 31.01
N ILE B 575 -30.45 -16.36 29.80
CA ILE B 575 -31.52 -17.31 29.47
C ILE B 575 -30.76 -18.41 28.77
N MET B 576 -30.58 -19.52 29.47
CA MET B 576 -29.76 -20.65 29.08
C MET B 576 -30.50 -21.78 28.42
N SER B 577 -29.80 -22.48 27.53
CA SER B 577 -30.30 -23.64 26.79
C SER B 577 -29.60 -24.92 27.28
N ASP B 578 -28.30 -24.81 27.63
CA ASP B 578 -27.44 -25.89 28.04
C ASP B 578 -27.47 -26.06 29.55
N ARG B 579 -27.78 -27.28 30.03
CA ARG B 579 -27.81 -27.60 31.47
C ARG B 579 -26.44 -27.42 32.12
N ASP B 580 -25.39 -27.85 31.44
CA ASP B 580 -24.00 -27.78 31.89
C ASP B 580 -23.60 -26.33 32.24
N LEU B 581 -23.63 -25.41 31.26
CA LEU B 581 -23.28 -24.02 31.49
C LEU B 581 -24.26 -23.34 32.46
N TYR B 582 -25.55 -23.75 32.45
CA TYR B 582 -26.51 -23.19 33.39
C TYR B 582 -26.07 -23.53 34.84
N ASP B 583 -25.72 -24.79 35.11
CA ASP B 583 -25.27 -25.25 36.43
C ASP B 583 -23.93 -24.64 36.85
N LYS B 584 -23.08 -24.27 35.86
CA LYS B 584 -21.78 -23.63 36.07
C LYS B 584 -21.92 -22.11 36.41
N LEU B 585 -23.07 -21.47 36.07
CA LEU B 585 -23.33 -20.05 36.41
C LEU B 585 -23.59 -19.88 37.92
N GLN B 586 -22.74 -19.09 38.63
CA GLN B 586 -22.92 -18.82 40.04
C GLN B 586 -23.78 -17.59 40.23
N PHE B 587 -24.99 -17.68 39.67
CA PHE B 587 -26.00 -16.65 39.64
C PHE B 587 -27.24 -17.14 40.37
N THR B 588 -28.12 -16.17 40.70
CA THR B 588 -29.38 -16.43 41.33
C THR B 588 -30.31 -16.99 40.26
N SER B 589 -30.83 -18.19 40.48
CA SER B 589 -31.74 -18.80 39.55
C SER B 589 -33.14 -18.17 39.65
N LEU B 590 -33.79 -17.94 38.50
CA LEU B 590 -35.13 -17.36 38.42
C LEU B 590 -36.12 -18.40 37.88
N GLU B 591 -37.43 -18.22 38.13
CA GLU B 591 -38.45 -19.14 37.61
C GLU B 591 -39.11 -18.59 36.30
N ILE B 592 -39.60 -19.51 35.44
CA ILE B 592 -40.28 -19.20 34.17
C ILE B 592 -41.74 -18.79 34.38
N PRO B 593 -42.14 -17.55 34.04
CA PRO B 593 -43.56 -17.15 34.22
C PRO B 593 -44.53 -17.73 33.17
C10 GQJ C . 16.86 8.27 -49.88
C13 GQJ C . 18.68 8.04 -53.05
C01 GQJ C . 14.97 7.08 -45.39
C03 GQJ C . 14.88 8.27 -47.41
C04 GQJ C . 15.49 9.42 -48.20
C05 GQJ C . 14.51 10.59 -48.37
C06 GQJ C . 13.75 10.18 -49.62
C08 GQJ C . 14.87 9.66 -50.54
C11 GQJ C . 17.41 8.25 -51.23
C12 GQJ C . 18.65 7.89 -51.65
C14 GQJ C . 17.44 8.49 -53.43
N09 GQJ C . 15.80 9.04 -49.59
O02 GQJ C . 15.31 8.26 -46.16
O07 GQJ C . 13.09 11.29 -50.20
O15 GQJ C . 16.65 8.61 -52.31
O16 GQJ C . 17.47 7.67 -48.99
O17 GQJ C . 14.14 7.47 -47.89
ZN ZN D . 16.94 35.58 27.67
ZN ZN E . 17.94 25.77 7.82
ZN ZN F . 28.28 18.09 8.83
P PO4 G . 9.27 3.86 -29.21
O1 PO4 G . 8.33 5.12 -29.54
O2 PO4 G . 10.73 4.34 -29.02
O3 PO4 G . 9.18 2.78 -30.39
O4 PO4 G . 8.73 3.13 -27.91
P PO4 H . 7.89 8.52 -27.85
O1 PO4 H . 7.16 8.78 -29.25
O2 PO4 H . 9.41 8.44 -28.08
O3 PO4 H . 7.52 9.78 -26.93
O4 PO4 H . 7.39 7.18 -27.15
ZN ZN I . 1.94 -30.27 -3.93
ZN ZN J . 13.87 -31.18 0.48
ZN ZN K . 3.37 -36.10 -25.15
P PO4 L . -8.82 -4.71 29.90
O1 PO4 L . -7.75 -4.02 28.94
O2 PO4 L . -10.09 -5.25 29.08
O3 PO4 L . -9.27 -3.67 30.95
O4 PO4 L . -8.17 -5.97 30.65
P PO4 M . -11.61 -7.84 27.43
O1 PO4 M . -11.33 -6.29 27.16
O2 PO4 M . -12.01 -8.51 26.08
O3 PO4 M . -12.81 -8.02 28.48
O4 PO4 M . -10.29 -8.53 27.99
#